data_3FD9
#
_entry.id   3FD9
#
_cell.length_a   144.755
_cell.length_b   69.347
_cell.length_c   86.331
_cell.angle_alpha   90.00
_cell.angle_beta   90.00
_cell.angle_gamma   90.00
#
_symmetry.space_group_name_H-M   'P 21 21 2'
#
loop_
_entity.id
_entity.type
_entity.pdbx_description
1 polymer 'Uncharacterized protein'
2 water water
#
_entity_poly.entity_id   1
_entity_poly.type   'polypeptide(L)'
_entity_poly.pdbx_seq_one_letter_code
;GVVGSDARSRGRVPGYASSSLYRESGIISARQLALLQR(MSE)LPRLRLEQLFRCEWLQQRLARGLALGREEVRQILLCA
AQDDDGWCAELGDRVNLAVPQS(MSE)IDWVLLPVYGWWESLLDQAIPGWRLSLVELETQSRQLRIKSEFWSRVAELEPE
QAREELARVAKCQARTQEQVAELAGKLETASALAKSAWPNWQRG(MSE)ATLLASGGLAGFEPIPEVLECLWQPLCRLDD
DVGAADAVQAWLHERNLCQAQDHFYWQS
;
_entity_poly.pdbx_strand_id   A,B,C
#
# COMPACT_ATOMS: atom_id res chain seq x y z
N ALA A 17 9.90 -12.98 9.83
CA ALA A 17 8.77 -12.12 10.20
C ALA A 17 9.22 -10.71 10.60
N SER A 18 9.35 -9.85 9.59
CA SER A 18 9.90 -8.50 9.79
C SER A 18 8.84 -7.43 9.52
N SER A 19 9.16 -6.19 9.88
CA SER A 19 8.25 -5.08 9.72
C SER A 19 7.88 -4.87 8.26
N SER A 20 8.71 -5.41 7.38
CA SER A 20 8.47 -5.30 5.94
C SER A 20 7.21 -6.08 5.53
N LEU A 21 7.01 -7.25 6.10
CA LEU A 21 5.81 -8.04 5.84
C LEU A 21 4.55 -7.24 6.15
N TYR A 22 4.61 -6.46 7.22
CA TYR A 22 3.44 -5.73 7.70
C TYR A 22 3.20 -4.46 6.91
N ARG A 23 4.29 -3.86 6.45
CA ARG A 23 4.18 -2.69 5.61
C ARG A 23 3.62 -3.10 4.25
N GLU A 24 4.23 -4.10 3.61
CA GLU A 24 3.76 -4.57 2.31
C GLU A 24 2.29 -5.00 2.30
N SER A 25 1.85 -5.58 3.42
CA SER A 25 0.48 -6.07 3.54
C SER A 25 -0.48 -5.00 4.00
N GLY A 26 0.00 -3.77 4.13
CA GLY A 26 -0.85 -2.66 4.54
C GLY A 26 -1.50 -2.89 5.88
N ILE A 27 -0.80 -3.60 6.76
CA ILE A 27 -1.31 -3.85 8.10
C ILE A 27 -0.92 -2.69 9.00
N ILE A 28 0.27 -2.13 8.74
CA ILE A 28 0.84 -1.03 9.50
C ILE A 28 1.31 0.07 8.54
N SER A 29 0.79 1.28 8.70
CA SER A 29 1.20 2.36 7.81
C SER A 29 2.62 2.83 8.12
N ALA A 30 3.22 3.58 7.19
CA ALA A 30 4.55 4.12 7.41
C ALA A 30 4.53 5.02 8.64
N ARG A 31 3.51 5.87 8.71
CA ARG A 31 3.31 6.75 9.85
C ARG A 31 3.30 5.96 11.15
N GLN A 32 2.52 4.90 11.19
CA GLN A 32 2.35 4.11 12.42
C GLN A 32 3.64 3.44 12.84
N LEU A 33 4.31 2.81 11.87
CA LEU A 33 5.58 2.14 12.15
C LEU A 33 6.59 3.10 12.79
N ALA A 34 6.66 4.32 12.30
CA ALA A 34 7.65 5.28 12.81
C ALA A 34 7.42 5.58 14.28
N LEU A 35 6.16 5.62 14.68
CA LEU A 35 5.83 5.95 16.06
C LEU A 35 6.21 4.77 16.93
N LEU A 36 5.85 3.58 16.46
CA LEU A 36 6.17 2.34 17.15
C LEU A 36 7.68 2.18 17.30
N GLN A 37 8.43 2.50 16.25
CA GLN A 37 9.87 2.33 16.30
C GLN A 37 10.49 3.24 17.35
N ARG A 38 9.91 4.42 17.52
CA ARG A 38 10.45 5.38 18.47
C ARG A 38 10.14 4.97 19.91
N LEU A 40 8.92 1.82 21.13
CA LEU A 40 9.25 0.46 21.51
C LEU A 40 10.73 0.19 21.29
N PRO A 41 11.40 -0.34 22.33
CA PRO A 41 12.76 -0.88 22.28
C PRO A 41 12.88 -1.91 21.16
N ARG A 42 14.04 -2.02 20.55
CA ARG A 42 14.25 -2.96 19.45
C ARG A 42 13.76 -4.37 19.79
N LEU A 43 13.92 -4.76 21.05
CA LEU A 43 13.56 -6.09 21.49
C LEU A 43 12.04 -6.27 21.56
N ARG A 44 11.34 -5.24 21.98
CA ARG A 44 9.88 -5.29 22.09
C ARG A 44 9.25 -5.27 20.71
N LEU A 45 9.85 -4.50 19.82
CA LEU A 45 9.39 -4.45 18.44
C LEU A 45 9.38 -5.82 17.80
N GLU A 46 10.44 -6.60 18.00
CA GLU A 46 10.51 -7.93 17.39
C GLU A 46 9.55 -8.87 18.09
N GLN A 47 9.34 -8.68 19.38
CA GLN A 47 8.36 -9.51 20.09
C GLN A 47 6.97 -9.23 19.57
N LEU A 48 6.68 -7.96 19.33
CA LEU A 48 5.41 -7.56 18.75
C LEU A 48 5.21 -8.19 17.38
N PHE A 49 6.26 -8.19 16.58
CA PHE A 49 6.14 -8.64 15.20
C PHE A 49 5.85 -10.13 15.12
N ARG A 50 6.26 -10.87 16.14
CA ARG A 50 6.11 -12.33 16.12
C ARG A 50 4.92 -12.83 16.93
N CYS A 51 4.23 -11.91 17.61
CA CYS A 51 3.17 -12.33 18.52
C CYS A 51 1.91 -12.81 17.79
N GLU A 52 1.14 -13.67 18.45
CA GLU A 52 -0.02 -14.29 17.82
C GLU A 52 -1.08 -13.31 17.36
N TRP A 53 -1.37 -12.32 18.22
CA TRP A 53 -2.38 -11.30 17.93
C TRP A 53 -2.08 -10.59 16.63
N LEU A 54 -0.88 -10.03 16.53
CA LEU A 54 -0.51 -9.28 15.34
C LEU A 54 -0.42 -10.21 14.13
N GLN A 55 -0.07 -11.47 14.36
CA GLN A 55 0.01 -12.45 13.28
C GLN A 55 -1.38 -12.76 12.73
N GLN A 56 -2.37 -12.77 13.62
CA GLN A 56 -3.76 -13.02 13.27
C GLN A 56 -4.27 -11.87 12.42
N ARG A 57 -3.99 -10.64 12.85
CA ARG A 57 -4.39 -9.47 12.08
C ARG A 57 -3.74 -9.47 10.71
N LEU A 58 -2.46 -9.83 10.64
CA LEU A 58 -1.77 -9.91 9.36
C LEU A 58 -2.49 -10.88 8.39
N ALA A 59 -2.66 -12.11 8.84
CA ALA A 59 -3.32 -13.13 8.03
C ALA A 59 -4.71 -12.71 7.55
N ARG A 60 -5.39 -11.90 8.35
CA ARG A 60 -6.76 -11.53 8.07
C ARG A 60 -6.85 -10.22 7.31
N GLY A 61 -5.72 -9.52 7.18
CA GLY A 61 -5.67 -8.24 6.51
C GLY A 61 -6.27 -7.11 7.33
N LEU A 62 -6.23 -7.24 8.65
CA LEU A 62 -6.89 -6.28 9.53
C LEU A 62 -5.96 -5.14 9.99
N ALA A 63 -5.91 -4.08 9.19
CA ALA A 63 -5.04 -2.93 9.44
C ALA A 63 -5.23 -2.32 10.83
N LEU A 64 -4.13 -1.88 11.43
CA LEU A 64 -4.20 -1.24 12.75
C LEU A 64 -4.79 0.17 12.67
N GLY A 65 -5.47 0.57 13.75
CA GLY A 65 -5.99 1.93 13.86
C GLY A 65 -5.41 2.62 15.07
N ARG A 66 -5.93 3.77 15.44
CA ARG A 66 -5.40 4.52 16.57
C ARG A 66 -5.34 3.66 17.83
N GLU A 67 -6.42 2.94 18.10
CA GLU A 67 -6.54 2.19 19.34
C GLU A 67 -5.59 0.99 19.38
N GLU A 68 -5.50 0.28 18.26
CA GLU A 68 -4.58 -0.84 18.18
C GLU A 68 -3.17 -0.35 18.49
N VAL A 69 -2.79 0.79 17.91
CA VAL A 69 -1.48 1.34 18.22
C VAL A 69 -1.35 1.65 19.72
N ARG A 70 -2.32 2.37 20.28
CA ARG A 70 -2.24 2.73 21.69
C ARG A 70 -2.10 1.49 22.57
N GLN A 71 -2.95 0.49 22.33
CA GLN A 71 -2.94 -0.74 23.13
C GLN A 71 -1.58 -1.42 23.07
N ILE A 72 -0.97 -1.45 21.89
CA ILE A 72 0.38 -1.98 21.76
C ILE A 72 1.30 -1.27 22.73
N LEU A 73 1.34 0.06 22.64
CA LEU A 73 2.21 0.86 23.51
C LEU A 73 1.88 0.63 24.98
N LEU A 74 0.59 0.41 25.25
CA LEU A 74 0.13 0.21 26.61
C LEU A 74 0.68 -1.09 27.16
N CYS A 75 0.24 -2.20 26.54
CA CYS A 75 0.64 -3.52 26.96
C CYS A 75 2.15 -3.71 27.02
N ALA A 76 2.89 -2.99 26.18
CA ALA A 76 4.33 -3.17 26.10
C ALA A 76 5.03 -2.49 27.26
N ALA A 77 4.33 -1.60 27.96
CA ALA A 77 4.95 -0.85 29.04
C ALA A 77 5.01 -1.64 30.35
N GLN A 78 4.33 -2.78 30.41
CA GLN A 78 4.38 -3.62 31.60
C GLN A 78 5.77 -4.22 31.80
N ASP A 79 6.45 -4.52 30.69
CA ASP A 79 7.81 -5.05 30.71
C ASP A 79 7.90 -6.54 31.00
N ASP A 80 6.77 -7.16 31.27
CA ASP A 80 6.69 -8.61 31.32
C ASP A 80 6.97 -9.13 29.90
N ASP A 81 7.64 -10.26 29.79
CA ASP A 81 8.07 -10.77 28.48
C ASP A 81 6.94 -11.45 27.71
N GLY A 82 5.82 -11.63 28.38
CA GLY A 82 4.64 -12.19 27.72
C GLY A 82 3.54 -11.16 27.61
N TRP A 83 3.94 -9.90 27.44
CA TRP A 83 3.02 -8.77 27.35
C TRP A 83 2.08 -8.89 26.15
N CYS A 84 2.59 -9.46 25.07
CA CYS A 84 1.78 -9.69 23.87
C CYS A 84 0.50 -10.46 24.18
N ALA A 85 0.52 -11.25 25.23
CA ALA A 85 -0.61 -12.10 25.56
C ALA A 85 -1.80 -11.29 26.03
N GLU A 86 -1.61 -9.99 26.24
CA GLU A 86 -2.67 -9.12 26.74
C GLU A 86 -3.33 -8.34 25.61
N LEU A 87 -2.82 -8.50 24.40
CA LEU A 87 -3.37 -7.80 23.26
C LEU A 87 -4.61 -8.50 22.74
N GLY A 88 -5.66 -7.73 22.48
CA GLY A 88 -6.87 -8.23 21.87
C GLY A 88 -7.69 -7.08 21.32
N ASP A 89 -8.80 -7.40 20.68
CA ASP A 89 -9.68 -6.39 20.14
C ASP A 89 -11.05 -6.47 20.79
N ARG A 90 -11.74 -5.34 20.85
CA ARG A 90 -13.14 -5.32 21.23
C ARG A 90 -13.90 -5.27 19.92
N VAL A 91 -14.69 -6.30 19.64
CA VAL A 91 -15.26 -6.48 18.32
C VAL A 91 -16.77 -6.49 18.34
N ASN A 92 -17.38 -5.60 17.56
CA ASN A 92 -18.83 -5.51 17.50
C ASN A 92 -19.37 -6.36 16.36
N LEU A 93 -19.90 -7.52 16.70
CA LEU A 93 -20.41 -8.45 15.71
C LEU A 93 -21.68 -7.93 15.04
N ALA A 94 -22.15 -6.76 15.47
CA ALA A 94 -23.21 -6.10 14.72
C ALA A 94 -22.70 -5.91 13.31
N VAL A 95 -21.76 -4.99 13.15
CA VAL A 95 -21.10 -4.71 11.87
C VAL A 95 -20.87 -5.97 11.01
N PRO A 96 -21.57 -6.10 9.88
CA PRO A 96 -21.35 -7.26 9.03
C PRO A 96 -19.88 -7.49 8.67
N GLN A 97 -19.14 -6.41 8.48
CA GLN A 97 -17.74 -6.54 8.13
C GLN A 97 -16.98 -7.21 9.26
N SER A 98 -17.38 -6.89 10.49
CA SER A 98 -16.73 -7.45 11.67
C SER A 98 -17.15 -8.91 11.88
N ILE A 100 -17.77 -10.88 9.58
CA ILE A 100 -17.14 -11.67 8.52
C ILE A 100 -15.67 -11.92 8.79
N ASP A 101 -14.96 -10.90 9.23
CA ASP A 101 -13.51 -10.98 9.31
C ASP A 101 -13.06 -11.66 10.58
N TRP A 102 -13.92 -11.63 11.60
CA TRP A 102 -13.58 -12.16 12.90
C TRP A 102 -14.22 -13.50 13.17
N VAL A 103 -15.27 -13.83 12.45
CA VAL A 103 -15.96 -15.09 12.68
C VAL A 103 -16.07 -15.92 11.41
N LEU A 104 -16.94 -15.51 10.50
CA LEU A 104 -17.29 -16.35 9.36
C LEU A 104 -16.09 -16.87 8.59
N LEU A 105 -15.16 -15.99 8.24
CA LEU A 105 -14.00 -16.40 7.46
C LEU A 105 -13.02 -17.30 8.23
N PRO A 106 -12.64 -16.91 9.46
CA PRO A 106 -11.82 -17.81 10.26
C PRO A 106 -12.51 -19.17 10.48
N VAL A 107 -13.76 -19.12 10.91
CA VAL A 107 -14.53 -20.33 11.17
C VAL A 107 -14.59 -21.22 9.95
N TYR A 108 -14.76 -20.63 8.78
CA TYR A 108 -14.86 -21.43 7.56
C TYR A 108 -13.55 -22.07 7.20
N GLY A 109 -12.45 -21.35 7.43
CA GLY A 109 -11.14 -21.91 7.21
C GLY A 109 -10.91 -23.10 8.12
N TRP A 110 -11.35 -22.95 9.36
CA TRP A 110 -11.27 -24.04 10.32
C TRP A 110 -12.15 -25.21 9.90
N TRP A 111 -13.43 -24.96 9.67
CA TRP A 111 -14.33 -26.00 9.18
C TRP A 111 -13.68 -26.74 8.02
N GLU A 112 -13.31 -26.00 7.00
CA GLU A 112 -12.64 -26.56 5.82
C GLU A 112 -11.56 -27.59 6.19
N SER A 113 -10.78 -27.30 7.21
CA SER A 113 -9.66 -28.16 7.64
C SER A 113 -10.12 -29.51 8.14
N LEU A 114 -11.30 -29.57 8.76
CA LEU A 114 -11.84 -30.84 9.20
C LEU A 114 -11.98 -31.78 8.01
N LEU A 115 -12.58 -31.27 6.94
CA LEU A 115 -12.86 -32.07 5.76
C LEU A 115 -11.59 -32.62 5.11
N ASP A 116 -10.47 -31.95 5.36
CA ASP A 116 -9.16 -32.36 4.87
C ASP A 116 -8.14 -31.40 5.45
N GLN A 117 -7.27 -31.93 6.30
CA GLN A 117 -6.36 -31.13 7.08
C GLN A 117 -5.18 -30.63 6.26
N ALA A 118 -4.99 -31.19 5.07
CA ALA A 118 -3.86 -30.82 4.24
C ALA A 118 -4.11 -29.53 3.48
N ILE A 119 -5.39 -29.13 3.44
CA ILE A 119 -5.83 -27.96 2.69
C ILE A 119 -5.11 -26.67 3.08
N PRO A 120 -5.12 -26.31 4.38
CA PRO A 120 -4.45 -25.06 4.75
C PRO A 120 -3.06 -25.01 4.16
N GLY A 121 -2.33 -26.12 4.24
CA GLY A 121 -0.97 -26.19 3.73
C GLY A 121 -0.90 -25.95 2.23
N TRP A 122 -1.86 -26.50 1.50
CA TRP A 122 -1.90 -26.30 0.06
C TRP A 122 -2.06 -24.83 -0.31
N ARG A 123 -2.96 -24.15 0.39
CA ARG A 123 -3.28 -22.75 0.09
C ARG A 123 -2.07 -21.86 0.16
N LEU A 124 -1.38 -21.89 1.30
CA LEU A 124 -0.21 -21.03 1.47
C LEU A 124 0.89 -21.44 0.52
N SER A 125 1.00 -22.73 0.24
CA SER A 125 1.97 -23.20 -0.73
C SER A 125 1.75 -22.53 -2.08
N LEU A 126 0.48 -22.33 -2.44
CA LEU A 126 0.15 -21.58 -3.64
C LEU A 126 0.72 -20.18 -3.54
N VAL A 127 0.48 -19.53 -2.41
CA VAL A 127 0.96 -18.18 -2.19
C VAL A 127 2.46 -18.10 -2.46
N GLU A 128 3.21 -19.04 -1.90
CA GLU A 128 4.66 -19.05 -2.09
C GLU A 128 5.02 -19.43 -3.52
N LEU A 129 4.14 -20.19 -4.15
CA LEU A 129 4.35 -20.61 -5.52
C LEU A 129 4.05 -19.48 -6.48
N GLU A 130 3.12 -18.61 -6.09
CA GLU A 130 2.78 -17.45 -6.90
C GLU A 130 3.94 -16.47 -6.85
N THR A 131 4.41 -16.18 -5.64
CA THR A 131 5.59 -15.36 -5.43
C THR A 131 6.79 -15.83 -6.25
N GLN A 132 7.16 -17.10 -6.11
CA GLN A 132 8.26 -17.67 -6.88
C GLN A 132 8.01 -17.45 -8.37
N SER A 133 6.75 -17.53 -8.76
CA SER A 133 6.36 -17.31 -10.14
C SER A 133 6.63 -15.87 -10.54
N ARG A 134 6.08 -14.94 -9.76
CA ARG A 134 6.30 -13.52 -9.98
C ARG A 134 7.78 -13.23 -10.08
N GLN A 135 8.53 -13.75 -9.10
CA GLN A 135 9.98 -13.56 -9.05
C GLN A 135 10.66 -13.98 -10.33
N LEU A 136 10.20 -15.06 -10.93
CA LEU A 136 10.78 -15.54 -12.17
C LEU A 136 10.44 -14.62 -13.35
N ARG A 137 9.30 -13.93 -13.27
CA ARG A 137 8.94 -12.98 -14.32
C ARG A 137 9.80 -11.73 -14.23
N ILE A 138 9.90 -11.17 -13.03
CA ILE A 138 10.82 -10.07 -12.78
C ILE A 138 12.23 -10.46 -13.22
N LYS A 139 12.53 -11.76 -13.07
CA LYS A 139 13.86 -12.26 -13.37
C LYS A 139 14.05 -12.46 -14.87
N SER A 140 12.94 -12.55 -15.61
CA SER A 140 13.01 -12.73 -17.05
C SER A 140 12.90 -11.39 -17.77
N GLU A 141 12.02 -10.52 -17.26
CA GLU A 141 11.92 -9.16 -17.76
C GLU A 141 13.25 -8.45 -17.56
N PHE A 142 14.00 -8.92 -16.58
CA PHE A 142 15.32 -8.40 -16.30
C PHE A 142 16.32 -8.81 -17.37
N TRP A 143 16.42 -10.11 -17.60
CA TRP A 143 17.39 -10.64 -18.56
C TRP A 143 16.98 -10.42 -20.00
N SER A 144 15.79 -9.88 -20.20
CA SER A 144 15.36 -9.46 -21.53
C SER A 144 15.99 -8.12 -21.86
N ARG A 145 16.06 -7.26 -20.85
CA ARG A 145 16.67 -5.95 -20.98
C ARG A 145 18.18 -6.08 -21.09
N VAL A 146 18.70 -7.23 -20.69
CA VAL A 146 20.13 -7.49 -20.77
C VAL A 146 20.46 -8.23 -22.07
N ALA A 147 19.51 -9.03 -22.54
CA ALA A 147 19.71 -9.82 -23.75
C ALA A 147 20.21 -8.99 -24.93
N GLU A 148 19.92 -7.70 -24.90
CA GLU A 148 20.31 -6.79 -25.99
C GLU A 148 21.80 -6.45 -25.93
N LEU A 149 22.30 -6.21 -24.74
CA LEU A 149 23.70 -5.83 -24.54
C LEU A 149 24.58 -7.06 -24.32
N GLU A 150 24.05 -8.02 -23.56
CA GLU A 150 24.71 -9.31 -23.35
C GLU A 150 23.91 -10.42 -24.02
N PRO A 151 23.99 -10.50 -25.36
CA PRO A 151 23.23 -11.50 -26.11
C PRO A 151 23.65 -12.91 -25.73
N GLU A 152 24.95 -13.17 -25.71
CA GLU A 152 25.48 -14.51 -25.49
C GLU A 152 25.17 -15.08 -24.10
N GLN A 153 25.65 -14.42 -23.05
CA GLN A 153 25.51 -14.93 -21.69
C GLN A 153 24.10 -14.77 -21.13
N ALA A 154 23.12 -14.62 -22.03
CA ALA A 154 21.73 -14.48 -21.63
C ALA A 154 20.93 -15.72 -22.03
N ARG A 155 21.47 -16.48 -22.97
CA ARG A 155 20.81 -17.69 -23.44
C ARG A 155 20.84 -18.76 -22.36
N GLU A 156 21.65 -18.53 -21.34
CA GLU A 156 21.80 -19.50 -20.25
C GLU A 156 20.75 -19.28 -19.16
N GLU A 157 20.46 -18.02 -18.85
CA GLU A 157 19.51 -17.70 -17.79
C GLU A 157 18.08 -18.05 -18.23
N LEU A 158 17.77 -17.75 -19.49
CA LEU A 158 16.45 -18.01 -20.04
C LEU A 158 16.13 -19.50 -20.07
N ALA A 159 17.16 -20.33 -20.13
CA ALA A 159 16.99 -21.77 -20.17
C ALA A 159 16.62 -22.33 -18.81
N ARG A 160 17.26 -21.80 -17.77
CA ARG A 160 16.97 -22.24 -16.40
C ARG A 160 15.64 -21.68 -15.95
N VAL A 161 15.42 -20.40 -16.22
CA VAL A 161 14.17 -19.76 -15.87
C VAL A 161 13.00 -20.37 -16.66
N ALA A 162 13.34 -21.04 -17.77
CA ALA A 162 12.33 -21.75 -18.55
C ALA A 162 11.80 -22.92 -17.73
N LYS A 163 12.67 -23.87 -17.43
CA LYS A 163 12.29 -25.04 -16.63
C LYS A 163 11.80 -24.63 -15.24
N CYS A 164 12.40 -23.61 -14.65
CA CYS A 164 11.98 -23.14 -13.34
C CYS A 164 10.52 -22.71 -13.38
N GLN A 165 10.18 -21.91 -14.39
CA GLN A 165 8.81 -21.43 -14.54
C GLN A 165 7.89 -22.59 -14.88
N ALA A 166 8.35 -23.47 -15.77
CA ALA A 166 7.59 -24.66 -16.14
C ALA A 166 7.27 -25.50 -14.91
N ARG A 167 8.30 -25.92 -14.19
CA ARG A 167 8.13 -26.69 -12.96
C ARG A 167 7.14 -25.99 -12.03
N THR A 168 7.46 -24.75 -11.68
CA THR A 168 6.59 -23.96 -10.82
C THR A 168 5.16 -24.06 -11.33
N GLN A 169 5.00 -23.94 -12.64
CA GLN A 169 3.68 -23.98 -13.26
C GLN A 169 3.00 -25.32 -13.06
N GLU A 170 3.80 -26.40 -13.10
CA GLU A 170 3.26 -27.74 -12.97
C GLU A 170 2.64 -27.93 -11.60
N GLN A 171 3.38 -27.58 -10.56
CA GLN A 171 2.91 -27.79 -9.20
C GLN A 171 1.72 -26.91 -8.86
N VAL A 172 1.66 -25.72 -9.45
CA VAL A 172 0.48 -24.89 -9.28
C VAL A 172 -0.73 -25.64 -9.83
N ALA A 173 -0.58 -26.23 -11.02
CA ALA A 173 -1.65 -27.01 -11.63
C ALA A 173 -2.12 -28.12 -10.70
N GLU A 174 -1.17 -28.79 -10.06
CA GLU A 174 -1.50 -29.88 -9.14
C GLU A 174 -2.22 -29.36 -7.90
N LEU A 175 -1.57 -28.45 -7.18
CA LEU A 175 -2.19 -27.81 -6.02
C LEU A 175 -3.59 -27.32 -6.36
N ALA A 176 -3.70 -26.50 -7.39
CA ALA A 176 -5.00 -26.00 -7.82
C ALA A 176 -5.97 -27.15 -8.09
N GLY A 177 -5.43 -28.30 -8.47
CA GLY A 177 -6.24 -29.46 -8.74
C GLY A 177 -6.84 -30.04 -7.48
N LYS A 178 -5.98 -30.33 -6.50
CA LYS A 178 -6.40 -30.84 -5.20
C LYS A 178 -7.42 -29.91 -4.56
N LEU A 179 -7.18 -28.62 -4.67
CA LEU A 179 -8.04 -27.63 -4.04
C LEU A 179 -9.38 -27.52 -4.75
N GLU A 180 -9.38 -27.77 -6.06
CA GLU A 180 -10.62 -27.71 -6.82
C GLU A 180 -11.49 -28.87 -6.38
N THR A 181 -10.87 -30.03 -6.19
CA THR A 181 -11.60 -31.20 -5.72
C THR A 181 -12.16 -30.97 -4.32
N ALA A 182 -11.31 -30.49 -3.41
CA ALA A 182 -11.75 -30.24 -2.03
C ALA A 182 -12.91 -29.27 -2.02
N SER A 183 -12.79 -28.19 -2.78
CA SER A 183 -13.85 -27.21 -2.91
C SER A 183 -15.19 -27.88 -3.20
N ALA A 184 -15.19 -28.83 -4.12
CA ALA A 184 -16.44 -29.49 -4.53
C ALA A 184 -17.16 -30.18 -3.37
N LEU A 185 -16.41 -30.90 -2.54
CA LEU A 185 -16.98 -31.58 -1.38
C LEU A 185 -17.42 -30.55 -0.36
N ALA A 186 -16.57 -29.55 -0.16
CA ALA A 186 -16.84 -28.47 0.77
C ALA A 186 -18.13 -27.76 0.41
N LYS A 187 -18.34 -27.56 -0.89
CA LYS A 187 -19.59 -26.97 -1.37
C LYS A 187 -20.75 -27.90 -1.03
N SER A 188 -20.58 -29.20 -1.28
CA SER A 188 -21.63 -30.16 -1.01
C SER A 188 -22.00 -30.21 0.46
N ALA A 189 -21.04 -29.96 1.34
CA ALA A 189 -21.22 -30.14 2.77
C ALA A 189 -21.87 -28.92 3.44
N TRP A 190 -21.90 -27.81 2.72
CA TRP A 190 -22.51 -26.57 3.19
C TRP A 190 -23.02 -25.79 1.99
N PRO A 191 -24.10 -26.28 1.37
CA PRO A 191 -24.60 -25.75 0.10
C PRO A 191 -24.84 -24.23 0.13
N ASN A 192 -25.43 -23.72 1.21
CA ASN A 192 -25.86 -22.33 1.27
C ASN A 192 -24.85 -21.33 1.84
N TRP A 193 -23.57 -21.71 1.85
CA TRP A 193 -22.51 -20.81 2.31
C TRP A 193 -22.49 -19.55 1.45
N GLN A 194 -22.56 -19.73 0.13
CA GLN A 194 -22.65 -18.61 -0.79
C GLN A 194 -23.84 -17.71 -0.46
N ARG A 195 -25.04 -18.27 -0.61
CA ARG A 195 -26.26 -17.54 -0.38
C ARG A 195 -26.22 -16.76 0.93
N GLY A 196 -25.75 -17.42 1.98
CA GLY A 196 -25.68 -16.80 3.29
C GLY A 196 -24.82 -15.56 3.29
N ALA A 198 -24.05 -13.61 0.66
CA ALA A 198 -24.72 -12.59 -0.12
C ALA A 198 -25.76 -11.86 0.72
N THR A 199 -26.55 -12.63 1.45
CA THR A 199 -27.62 -12.07 2.27
C THR A 199 -27.08 -11.16 3.37
N LEU A 200 -26.11 -11.66 4.12
CA LEU A 200 -25.48 -10.85 5.15
C LEU A 200 -24.95 -9.54 4.55
N LEU A 201 -24.40 -9.62 3.36
CA LEU A 201 -23.80 -8.47 2.72
C LEU A 201 -24.85 -7.49 2.18
N ALA A 202 -26.05 -8.00 1.91
CA ALA A 202 -27.12 -7.19 1.36
C ALA A 202 -28.08 -6.67 2.42
N SER A 203 -28.30 -7.44 3.48
CA SER A 203 -29.35 -7.14 4.43
C SER A 203 -28.93 -7.30 5.90
N GLY A 204 -27.75 -7.84 6.13
CA GLY A 204 -27.18 -7.84 7.47
C GLY A 204 -27.48 -9.02 8.39
N GLY A 205 -28.27 -9.98 7.92
CA GLY A 205 -28.69 -11.10 8.75
C GLY A 205 -28.02 -12.40 8.38
N LEU A 206 -28.16 -13.41 9.25
CA LEU A 206 -27.45 -14.68 9.09
C LEU A 206 -28.31 -15.83 8.53
N ALA A 207 -29.54 -15.53 8.13
CA ALA A 207 -30.49 -16.58 7.79
C ALA A 207 -30.11 -17.35 6.52
N GLY A 208 -29.48 -16.66 5.58
CA GLY A 208 -29.15 -17.26 4.29
C GLY A 208 -28.18 -18.43 4.39
N PHE A 209 -27.53 -18.59 5.54
CA PHE A 209 -26.49 -19.60 5.70
C PHE A 209 -27.05 -20.99 6.00
N GLU A 210 -28.23 -21.05 6.60
CA GLU A 210 -28.77 -22.34 7.01
C GLU A 210 -29.36 -23.12 5.83
N PRO A 211 -29.31 -24.46 5.92
CA PRO A 211 -28.85 -25.18 7.11
C PRO A 211 -27.33 -25.20 7.22
N ILE A 212 -26.81 -24.97 8.42
CA ILE A 212 -25.36 -25.02 8.64
C ILE A 212 -24.91 -26.41 9.07
N PRO A 213 -23.66 -26.78 8.75
CA PRO A 213 -23.11 -28.10 9.12
C PRO A 213 -23.33 -28.39 10.60
N GLU A 214 -23.54 -29.64 10.95
CA GLU A 214 -23.93 -29.98 12.32
C GLU A 214 -22.80 -29.67 13.29
N VAL A 215 -21.56 -29.78 12.80
CA VAL A 215 -20.39 -29.58 13.63
C VAL A 215 -20.17 -28.11 14.01
N LEU A 216 -21.02 -27.23 13.51
CA LEU A 216 -20.88 -25.81 13.80
C LEU A 216 -22.07 -25.31 14.60
N GLU A 217 -22.93 -26.25 15.01
CA GLU A 217 -24.14 -25.90 15.75
C GLU A 217 -23.89 -25.12 17.04
N CYS A 218 -22.97 -25.58 17.87
CA CYS A 218 -22.75 -24.93 19.16
C CYS A 218 -22.12 -23.54 19.01
N LEU A 219 -21.55 -23.27 17.85
CA LEU A 219 -21.16 -21.91 17.51
C LEU A 219 -22.36 -21.11 17.00
N TRP A 220 -23.17 -21.73 16.15
CA TRP A 220 -24.28 -21.03 15.53
C TRP A 220 -25.37 -20.63 16.51
N GLN A 221 -25.77 -21.55 17.37
CA GLN A 221 -26.80 -21.27 18.36
C GLN A 221 -26.57 -19.90 19.03
N PRO A 222 -25.40 -19.70 19.67
CA PRO A 222 -25.13 -18.41 20.32
C PRO A 222 -25.00 -17.28 19.32
N LEU A 223 -24.49 -17.58 18.12
CA LEU A 223 -24.23 -16.53 17.14
C LEU A 223 -25.53 -15.84 16.73
N CYS A 224 -26.61 -16.59 16.66
CA CYS A 224 -27.88 -16.06 16.20
C CYS A 224 -28.68 -15.43 17.32
N ARG A 225 -28.07 -15.33 18.49
CA ARG A 225 -28.76 -14.78 19.64
C ARG A 225 -27.94 -13.71 20.31
N LEU A 226 -26.99 -13.16 19.56
CA LEU A 226 -26.09 -12.18 20.15
C LEU A 226 -26.89 -11.09 20.86
N ASP A 227 -27.94 -10.63 20.20
CA ASP A 227 -28.71 -9.48 20.66
C ASP A 227 -29.65 -9.83 21.82
N ASP A 228 -30.10 -11.07 21.83
CA ASP A 228 -31.11 -11.51 22.78
C ASP A 228 -30.51 -11.99 24.09
N ASP A 229 -29.74 -13.07 24.02
CA ASP A 229 -29.09 -13.62 25.20
C ASP A 229 -27.91 -12.77 25.63
N VAL A 230 -27.66 -12.72 26.93
CA VAL A 230 -26.60 -11.88 27.48
C VAL A 230 -25.26 -12.61 27.47
N GLY A 231 -25.33 -13.93 27.64
CA GLY A 231 -24.14 -14.76 27.63
C GLY A 231 -23.89 -15.39 26.27
N ALA A 232 -24.52 -14.85 25.24
CA ALA A 232 -24.40 -15.42 23.90
C ALA A 232 -23.07 -15.02 23.27
N ALA A 233 -22.62 -13.81 23.56
CA ALA A 233 -21.37 -13.30 22.99
C ALA A 233 -20.16 -14.11 23.42
N ASP A 234 -19.94 -14.19 24.74
CA ASP A 234 -18.79 -14.89 25.28
C ASP A 234 -18.86 -16.39 24.97
N ALA A 235 -20.06 -16.87 24.66
CA ALA A 235 -20.22 -18.26 24.25
C ALA A 235 -19.61 -18.49 22.88
N VAL A 236 -19.67 -17.50 22.00
CA VAL A 236 -19.00 -17.65 20.71
C VAL A 236 -17.53 -17.29 20.87
N GLN A 237 -17.24 -16.39 21.79
CA GLN A 237 -15.84 -16.10 22.10
C GLN A 237 -15.15 -17.39 22.52
N ALA A 238 -15.75 -18.07 23.49
CA ALA A 238 -15.19 -19.32 24.02
C ALA A 238 -15.02 -20.38 22.94
N TRP A 239 -16.00 -20.48 22.04
CA TRP A 239 -15.97 -21.47 20.99
C TRP A 239 -14.77 -21.25 20.09
N LEU A 240 -14.59 -20.00 19.67
CA LEU A 240 -13.51 -19.64 18.76
C LEU A 240 -12.18 -19.86 19.45
N HIS A 241 -12.12 -19.42 20.69
CA HIS A 241 -10.90 -19.52 21.48
C HIS A 241 -10.41 -20.96 21.62
N GLU A 242 -11.29 -21.87 22.02
CA GLU A 242 -10.91 -23.26 22.21
C GLU A 242 -10.42 -23.91 20.94
N ARG A 243 -10.46 -23.16 19.84
CA ARG A 243 -10.07 -23.66 18.53
C ARG A 243 -9.04 -22.72 17.91
N ASN A 244 -8.52 -21.83 18.73
CA ASN A 244 -7.44 -20.97 18.30
C ASN A 244 -7.88 -20.06 17.14
N LEU A 245 -9.14 -19.63 17.17
CA LEU A 245 -9.65 -18.71 16.15
C LEU A 245 -9.80 -17.32 16.71
N CYS A 246 -9.42 -17.13 17.96
CA CYS A 246 -9.27 -15.78 18.50
C CYS A 246 -8.33 -15.78 19.69
N GLN A 247 -8.11 -14.60 20.25
CA GLN A 247 -7.12 -14.43 21.31
C GLN A 247 -7.81 -14.50 22.65
N ALA A 248 -7.05 -14.78 23.70
CA ALA A 248 -7.61 -14.85 25.03
C ALA A 248 -8.36 -13.57 25.33
N GLN A 249 -7.76 -12.44 24.96
CA GLN A 249 -8.29 -11.13 25.34
C GLN A 249 -9.20 -10.47 24.31
N ASP A 250 -9.44 -11.14 23.19
CA ASP A 250 -10.41 -10.66 22.21
C ASP A 250 -11.78 -10.67 22.86
N HIS A 251 -12.47 -9.53 22.87
CA HIS A 251 -13.81 -9.44 23.44
C HIS A 251 -14.83 -9.16 22.35
N PHE A 252 -15.85 -10.00 22.25
CA PHE A 252 -16.93 -9.79 21.28
C PHE A 252 -18.19 -9.29 21.96
N TYR A 253 -19.03 -8.60 21.20
CA TYR A 253 -20.28 -8.06 21.74
C TYR A 253 -21.21 -7.62 20.62
N TRP A 254 -22.45 -7.28 20.96
CA TRP A 254 -23.44 -6.87 19.97
C TRP A 254 -24.09 -5.54 20.33
N GLN A 255 -24.16 -4.62 19.37
CA GLN A 255 -24.75 -3.31 19.61
C GLN A 255 -25.24 -2.69 18.30
N SER A 256 -26.55 -2.50 18.18
CA SER A 256 -27.11 -1.92 16.96
C SER A 256 -27.88 -0.63 17.24
N ALA B 17 -3.31 -9.07 -14.17
CA ALA B 17 -3.96 -10.37 -14.14
C ALA B 17 -3.56 -11.19 -12.90
N SER B 18 -2.92 -10.54 -11.94
CA SER B 18 -2.43 -11.23 -10.76
C SER B 18 -2.80 -10.50 -9.49
N SER B 19 -3.21 -11.26 -8.47
CA SER B 19 -3.52 -10.70 -7.17
C SER B 19 -2.53 -9.61 -6.83
N SER B 20 -1.25 -9.96 -6.80
CA SER B 20 -0.19 -9.06 -6.35
C SER B 20 -0.25 -7.73 -7.07
N LEU B 21 -0.57 -7.76 -8.35
CA LEU B 21 -0.63 -6.54 -9.15
C LEU B 21 -1.66 -5.57 -8.62
N TYR B 22 -2.85 -6.08 -8.32
CA TYR B 22 -3.93 -5.28 -7.77
C TYR B 22 -3.63 -4.91 -6.33
N ARG B 23 -2.77 -5.70 -5.69
CA ARG B 23 -2.37 -5.42 -4.33
C ARG B 23 -1.29 -4.35 -4.28
N GLU B 24 -0.29 -4.50 -5.14
CA GLU B 24 0.80 -3.55 -5.22
C GLU B 24 0.31 -2.14 -5.55
N SER B 25 -0.70 -2.04 -6.41
CA SER B 25 -1.17 -0.72 -6.81
C SER B 25 -2.39 -0.24 -6.03
N GLY B 26 -2.73 -0.96 -4.97
CA GLY B 26 -3.73 -0.50 -4.01
C GLY B 26 -5.18 -0.60 -4.45
N ILE B 27 -5.43 -1.36 -5.51
CA ILE B 27 -6.79 -1.53 -6.00
C ILE B 27 -7.64 -2.38 -5.05
N ILE B 28 -7.02 -3.39 -4.44
CA ILE B 28 -7.69 -4.32 -3.52
C ILE B 28 -6.88 -4.46 -2.23
N SER B 29 -7.52 -4.33 -1.09
CA SER B 29 -6.82 -4.50 0.16
C SER B 29 -6.63 -5.99 0.44
N ALA B 30 -5.75 -6.32 1.38
CA ALA B 30 -5.54 -7.73 1.72
C ALA B 30 -6.84 -8.29 2.29
N ARG B 31 -7.52 -7.47 3.07
CA ARG B 31 -8.80 -7.84 3.66
C ARG B 31 -9.79 -8.23 2.58
N GLN B 32 -9.92 -7.37 1.57
CA GLN B 32 -10.81 -7.60 0.44
C GLN B 32 -10.39 -8.84 -0.33
N LEU B 33 -9.10 -8.96 -0.62
CA LEU B 33 -8.65 -10.10 -1.41
C LEU B 33 -8.99 -11.37 -0.67
N ALA B 34 -8.89 -11.35 0.65
CA ALA B 34 -9.19 -12.52 1.47
C ALA B 34 -10.62 -12.98 1.26
N LEU B 35 -11.56 -12.04 1.38
CA LEU B 35 -12.96 -12.36 1.16
C LEU B 35 -13.19 -12.85 -0.27
N LEU B 36 -12.65 -12.14 -1.25
CA LEU B 36 -12.82 -12.50 -2.65
C LEU B 36 -12.31 -13.90 -2.91
N GLN B 37 -11.14 -14.19 -2.35
CA GLN B 37 -10.45 -15.44 -2.61
C GLN B 37 -11.25 -16.60 -2.07
N ARG B 38 -11.95 -16.37 -0.97
CA ARG B 38 -12.74 -17.40 -0.32
C ARG B 38 -14.12 -17.58 -0.95
N LEU B 40 -14.98 -16.56 -4.34
CA LEU B 40 -14.89 -16.90 -5.75
C LEU B 40 -13.97 -18.09 -6.01
N PRO B 41 -14.46 -19.10 -6.73
CA PRO B 41 -13.63 -20.22 -7.17
C PRO B 41 -12.45 -19.71 -7.99
N ARG B 42 -11.34 -20.44 -8.03
CA ARG B 42 -10.15 -20.01 -8.76
C ARG B 42 -10.49 -19.53 -10.17
N LEU B 43 -11.44 -20.18 -10.81
CA LEU B 43 -11.77 -19.90 -12.20
C LEU B 43 -12.45 -18.54 -12.36
N ARG B 44 -13.33 -18.21 -11.42
CA ARG B 44 -14.03 -16.94 -11.45
C ARG B 44 -13.07 -15.83 -11.06
N LEU B 45 -12.23 -16.13 -10.08
CA LEU B 45 -11.25 -15.18 -9.58
C LEU B 45 -10.36 -14.75 -10.74
N GLU B 46 -9.83 -15.73 -11.48
CA GLU B 46 -8.98 -15.40 -12.61
C GLU B 46 -9.71 -14.55 -13.63
N GLN B 47 -10.97 -14.90 -13.91
CA GLN B 47 -11.79 -14.12 -14.84
C GLN B 47 -11.93 -12.68 -14.34
N LEU B 48 -12.18 -12.54 -13.04
CA LEU B 48 -12.26 -11.22 -12.43
C LEU B 48 -11.03 -10.38 -12.79
N PHE B 49 -9.86 -10.87 -12.40
CA PHE B 49 -8.62 -10.15 -12.62
C PHE B 49 -8.35 -9.78 -14.08
N ARG B 50 -8.82 -10.60 -15.02
CA ARG B 50 -8.60 -10.33 -16.44
C ARG B 50 -9.70 -9.44 -17.03
N CYS B 51 -10.80 -9.28 -16.32
CA CYS B 51 -11.96 -8.62 -16.92
C CYS B 51 -11.69 -7.15 -17.21
N GLU B 52 -12.27 -6.64 -18.29
CA GLU B 52 -12.02 -5.26 -18.70
C GLU B 52 -12.34 -4.25 -17.62
N TRP B 53 -13.42 -4.49 -16.87
CA TRP B 53 -13.86 -3.57 -15.84
C TRP B 53 -12.79 -3.32 -14.79
N LEU B 54 -12.30 -4.40 -14.19
CA LEU B 54 -11.33 -4.29 -13.09
C LEU B 54 -9.99 -3.78 -13.62
N GLN B 55 -9.65 -4.18 -14.83
CA GLN B 55 -8.44 -3.74 -15.51
C GLN B 55 -8.51 -2.24 -15.75
N GLN B 56 -9.72 -1.73 -15.94
CA GLN B 56 -9.95 -0.31 -16.09
C GLN B 56 -9.63 0.38 -14.76
N ARG B 57 -10.20 -0.13 -13.69
CA ARG B 57 -9.98 0.47 -12.38
C ARG B 57 -8.50 0.43 -11.99
N LEU B 58 -7.83 -0.64 -12.39
CA LEU B 58 -6.40 -0.79 -12.14
C LEU B 58 -5.65 0.35 -12.82
N ALA B 59 -5.83 0.47 -14.13
CA ALA B 59 -5.16 1.52 -14.91
C ALA B 59 -5.43 2.94 -14.42
N ARG B 60 -6.53 3.16 -13.74
CA ARG B 60 -6.86 4.50 -13.25
C ARG B 60 -6.63 4.63 -11.77
N GLY B 61 -6.09 3.58 -11.16
CA GLY B 61 -5.84 3.56 -9.74
C GLY B 61 -7.08 3.76 -8.89
N LEU B 62 -8.24 3.25 -9.35
CA LEU B 62 -9.48 3.40 -8.60
C LEU B 62 -9.75 2.22 -7.66
N ALA B 63 -9.37 2.38 -6.39
CA ALA B 63 -9.50 1.29 -5.42
C ALA B 63 -10.96 0.90 -5.21
N LEU B 64 -11.19 -0.34 -4.76
CA LEU B 64 -12.54 -0.84 -4.57
C LEU B 64 -13.09 -0.47 -3.19
N GLY B 65 -14.40 -0.26 -3.10
CA GLY B 65 -15.05 -0.03 -1.82
C GLY B 65 -15.99 -1.18 -1.52
N ARG B 66 -16.80 -1.07 -0.49
CA ARG B 66 -17.60 -2.23 -0.11
C ARG B 66 -18.68 -2.58 -1.14
N GLU B 67 -19.17 -1.61 -1.90
CA GLU B 67 -20.20 -1.92 -2.88
C GLU B 67 -19.63 -2.57 -4.12
N GLU B 68 -18.40 -2.20 -4.48
CA GLU B 68 -17.72 -2.83 -5.61
C GLU B 68 -17.57 -4.30 -5.30
N VAL B 69 -17.11 -4.58 -4.09
CA VAL B 69 -16.96 -5.96 -3.63
C VAL B 69 -18.32 -6.68 -3.58
N ARG B 70 -19.33 -6.05 -3.00
CA ARG B 70 -20.64 -6.68 -2.99
C ARG B 70 -21.11 -7.03 -4.40
N GLN B 71 -20.97 -6.07 -5.31
CA GLN B 71 -21.40 -6.27 -6.69
C GLN B 71 -20.65 -7.39 -7.39
N ILE B 72 -19.34 -7.46 -7.18
CA ILE B 72 -18.57 -8.57 -7.72
C ILE B 72 -19.15 -9.90 -7.22
N LEU B 73 -19.27 -10.03 -5.91
CA LEU B 73 -19.78 -11.26 -5.33
C LEU B 73 -21.16 -11.61 -5.89
N LEU B 74 -22.03 -10.61 -5.97
CA LEU B 74 -23.38 -10.78 -6.47
C LEU B 74 -23.40 -11.29 -7.91
N CYS B 75 -22.64 -10.64 -8.79
CA CYS B 75 -22.59 -11.03 -10.19
C CYS B 75 -22.08 -12.44 -10.41
N ALA B 76 -21.12 -12.87 -9.60
CA ALA B 76 -20.52 -14.18 -9.79
C ALA B 76 -21.42 -15.31 -9.30
N ALA B 77 -22.56 -14.95 -8.72
CA ALA B 77 -23.48 -15.95 -8.16
C ALA B 77 -24.29 -16.70 -9.24
N GLN B 78 -23.87 -16.58 -10.48
CA GLN B 78 -24.45 -17.36 -11.57
C GLN B 78 -23.34 -17.98 -12.42
N ASP B 79 -23.50 -19.24 -12.79
CA ASP B 79 -22.45 -19.92 -13.53
C ASP B 79 -22.41 -19.51 -15.00
N ASP B 80 -22.40 -18.20 -15.25
CA ASP B 80 -22.26 -17.67 -16.61
C ASP B 80 -20.85 -17.12 -16.83
N ASP B 81 -20.10 -17.76 -17.74
CA ASP B 81 -18.72 -17.38 -18.00
C ASP B 81 -18.60 -15.91 -18.41
N GLY B 82 -19.74 -15.26 -18.60
CA GLY B 82 -19.75 -13.86 -19.01
C GLY B 82 -20.31 -12.94 -17.96
N TRP B 83 -20.16 -13.33 -16.69
CA TRP B 83 -20.69 -12.56 -15.57
C TRP B 83 -19.96 -11.24 -15.42
N CYS B 84 -18.70 -11.20 -15.83
CA CYS B 84 -17.88 -9.99 -15.72
C CYS B 84 -18.44 -8.83 -16.55
N ALA B 85 -19.22 -9.16 -17.58
CA ALA B 85 -19.75 -8.15 -18.49
C ALA B 85 -20.82 -7.28 -17.84
N GLU B 86 -21.38 -7.74 -16.72
CA GLU B 86 -22.44 -6.99 -16.04
C GLU B 86 -21.84 -5.96 -15.10
N LEU B 87 -20.52 -6.01 -14.93
CA LEU B 87 -19.85 -5.15 -13.96
C LEU B 87 -19.58 -3.76 -14.51
N GLY B 88 -19.85 -2.75 -13.69
CA GLY B 88 -19.71 -1.36 -14.07
C GLY B 88 -20.06 -0.47 -12.90
N ASP B 89 -19.72 0.81 -12.99
CA ASP B 89 -19.91 1.72 -11.88
C ASP B 89 -20.94 2.78 -12.19
N ARG B 90 -21.58 3.32 -11.16
CA ARG B 90 -22.46 4.46 -11.33
C ARG B 90 -21.71 5.72 -10.88
N VAL B 91 -21.35 6.54 -11.85
CA VAL B 91 -20.47 7.67 -11.62
C VAL B 91 -21.22 8.99 -11.68
N ASN B 92 -21.04 9.81 -10.65
CA ASN B 92 -21.64 11.13 -10.61
C ASN B 92 -20.67 12.18 -11.15
N LEU B 93 -20.87 12.63 -12.38
CA LEU B 93 -19.92 13.58 -12.96
C LEU B 93 -19.95 14.95 -12.31
N ALA B 94 -20.90 15.18 -11.41
CA ALA B 94 -20.98 16.48 -10.74
C ALA B 94 -19.89 16.60 -9.69
N VAL B 95 -19.23 15.48 -9.41
CA VAL B 95 -18.10 15.45 -8.51
C VAL B 95 -16.84 15.58 -9.33
N PRO B 96 -16.09 16.67 -9.14
CA PRO B 96 -14.89 16.91 -9.95
C PRO B 96 -13.98 15.69 -9.98
N GLN B 97 -13.67 15.13 -8.81
CA GLN B 97 -12.80 13.98 -8.74
C GLN B 97 -13.27 12.86 -9.66
N SER B 98 -14.58 12.68 -9.73
CA SER B 98 -15.14 11.64 -10.59
C SER B 98 -15.08 12.06 -12.04
N ILE B 100 -12.88 13.87 -13.31
CA ILE B 100 -11.49 13.75 -13.69
C ILE B 100 -11.12 12.31 -13.97
N ASP B 101 -11.44 11.41 -13.04
CA ASP B 101 -10.93 10.05 -13.11
C ASP B 101 -11.66 9.18 -14.14
N TRP B 102 -12.93 9.49 -14.38
CA TRP B 102 -13.74 8.67 -15.26
C TRP B 102 -13.88 9.28 -16.65
N VAL B 103 -13.62 10.57 -16.76
CA VAL B 103 -13.81 11.25 -18.04
C VAL B 103 -12.55 11.94 -18.54
N LEU B 104 -12.16 13.04 -17.89
CA LEU B 104 -11.10 13.89 -18.42
C LEU B 104 -9.77 13.16 -18.63
N LEU B 105 -9.22 12.56 -17.59
CA LEU B 105 -7.96 11.82 -17.73
C LEU B 105 -8.01 10.76 -18.84
N PRO B 106 -9.01 9.87 -18.80
CA PRO B 106 -9.22 8.88 -19.86
C PRO B 106 -9.29 9.51 -21.24
N VAL B 107 -10.08 10.57 -21.39
CA VAL B 107 -10.29 11.20 -22.69
C VAL B 107 -9.04 11.87 -23.22
N TYR B 108 -8.31 12.57 -22.36
CA TYR B 108 -7.08 13.21 -22.76
C TYR B 108 -6.09 12.16 -23.24
N GLY B 109 -6.05 11.03 -22.55
CA GLY B 109 -5.14 9.96 -22.92
C GLY B 109 -5.48 9.40 -24.28
N TRP B 110 -6.76 9.24 -24.54
CA TRP B 110 -7.23 8.73 -25.82
C TRP B 110 -6.91 9.74 -26.90
N TRP B 111 -7.09 11.01 -26.59
CA TRP B 111 -6.89 12.09 -27.55
C TRP B 111 -5.41 12.22 -27.97
N GLU B 112 -4.51 12.22 -27.01
CA GLU B 112 -3.10 12.41 -27.35
C GLU B 112 -2.59 11.28 -28.24
N SER B 113 -3.03 10.06 -27.98
CA SER B 113 -2.58 8.91 -28.78
C SER B 113 -3.14 9.04 -30.19
N LEU B 114 -4.15 9.88 -30.32
CA LEU B 114 -4.76 10.17 -31.60
C LEU B 114 -3.82 11.08 -32.39
N LEU B 115 -3.22 12.03 -31.69
CA LEU B 115 -2.21 12.90 -32.28
C LEU B 115 -1.01 12.07 -32.72
N ASP B 116 -0.69 11.05 -31.93
CA ASP B 116 0.44 10.17 -32.23
C ASP B 116 0.26 8.84 -31.51
N GLN B 117 -0.06 7.79 -32.26
CA GLN B 117 -0.47 6.53 -31.66
C GLN B 117 0.64 5.81 -30.88
N ALA B 118 1.87 6.26 -31.03
CA ALA B 118 2.99 5.58 -30.38
C ALA B 118 3.22 6.06 -28.97
N ILE B 119 2.53 7.13 -28.59
CA ILE B 119 2.70 7.77 -27.28
C ILE B 119 2.38 6.87 -26.08
N PRO B 120 1.24 6.18 -26.11
CA PRO B 120 0.94 5.30 -24.98
C PRO B 120 2.05 4.26 -24.83
N GLY B 121 2.55 3.76 -25.96
CA GLY B 121 3.63 2.80 -25.95
C GLY B 121 4.91 3.36 -25.36
N TRP B 122 5.13 4.65 -25.56
CA TRP B 122 6.30 5.31 -25.00
C TRP B 122 6.14 5.43 -23.49
N ARG B 123 5.00 5.94 -23.05
CA ARG B 123 4.78 6.16 -21.63
C ARG B 123 4.91 4.87 -20.85
N LEU B 124 4.28 3.81 -21.36
CA LEU B 124 4.35 2.50 -20.73
C LEU B 124 5.78 1.97 -20.79
N SER B 125 6.40 2.08 -21.96
CA SER B 125 7.79 1.67 -22.13
C SER B 125 8.66 2.34 -21.08
N LEU B 126 8.40 3.62 -20.80
CA LEU B 126 9.14 4.34 -19.78
C LEU B 126 9.13 3.59 -18.45
N VAL B 127 7.95 3.29 -17.93
CA VAL B 127 7.83 2.71 -16.61
C VAL B 127 8.56 1.37 -16.50
N GLU B 128 8.52 0.58 -17.58
CA GLU B 128 9.24 -0.70 -17.62
C GLU B 128 10.74 -0.47 -17.52
N LEU B 129 11.15 0.78 -17.77
CA LEU B 129 12.55 1.12 -17.82
C LEU B 129 13.07 1.64 -16.50
N GLU B 130 12.23 2.39 -15.77
CA GLU B 130 12.64 2.86 -14.46
C GLU B 130 12.62 1.71 -13.45
N THR B 131 11.56 0.90 -13.52
CA THR B 131 11.48 -0.28 -12.66
C THR B 131 12.60 -1.24 -13.04
N GLN B 132 13.22 -1.00 -14.19
CA GLN B 132 14.31 -1.84 -14.67
C GLN B 132 15.64 -1.25 -14.25
N SER B 133 15.66 0.06 -14.03
CA SER B 133 16.87 0.72 -13.55
C SER B 133 17.07 0.39 -12.08
N ARG B 134 15.97 0.22 -11.37
CA ARG B 134 16.03 -0.11 -9.95
C ARG B 134 16.67 -1.47 -9.76
N GLN B 135 16.14 -2.47 -10.46
CA GLN B 135 16.69 -3.82 -10.42
C GLN B 135 18.19 -3.78 -10.69
N LEU B 136 18.62 -2.76 -11.43
CA LEU B 136 20.02 -2.60 -11.79
C LEU B 136 20.85 -1.99 -10.68
N ARG B 137 20.25 -1.09 -9.91
CA ARG B 137 20.96 -0.48 -8.79
C ARG B 137 20.97 -1.45 -7.61
N ILE B 138 19.89 -2.22 -7.48
CA ILE B 138 19.78 -3.22 -6.43
C ILE B 138 20.77 -4.35 -6.68
N LYS B 139 20.95 -4.71 -7.95
CA LYS B 139 21.91 -5.74 -8.33
C LYS B 139 23.32 -5.18 -8.31
N SER B 140 23.42 -3.86 -8.11
CA SER B 140 24.71 -3.21 -8.02
C SER B 140 25.20 -3.19 -6.59
N GLU B 141 24.32 -2.79 -5.67
CA GLU B 141 24.62 -2.84 -4.25
C GLU B 141 25.13 -4.23 -3.93
N PHE B 142 24.41 -5.24 -4.42
CA PHE B 142 24.74 -6.63 -4.18
C PHE B 142 26.21 -6.91 -4.49
N TRP B 143 26.56 -6.87 -5.78
CA TRP B 143 27.93 -7.15 -6.21
C TRP B 143 28.91 -6.09 -5.70
N SER B 144 28.38 -5.06 -5.05
CA SER B 144 29.21 -4.03 -4.44
C SER B 144 29.64 -4.50 -3.06
N ARG B 145 28.67 -4.87 -2.24
CA ARG B 145 28.92 -5.40 -0.90
C ARG B 145 29.67 -6.72 -1.01
N VAL B 146 29.34 -7.50 -2.04
CA VAL B 146 29.96 -8.80 -2.25
C VAL B 146 31.44 -8.69 -2.62
N ALA B 147 31.82 -7.57 -3.23
CA ALA B 147 33.22 -7.37 -3.64
C ALA B 147 34.19 -7.67 -2.49
N GLU B 148 33.68 -7.60 -1.27
CA GLU B 148 34.44 -8.01 -0.08
C GLU B 148 35.14 -9.34 -0.33
N LEU B 149 34.34 -10.39 -0.48
CA LEU B 149 34.85 -11.70 -0.85
C LEU B 149 34.71 -11.86 -2.36
N GLU B 150 35.48 -12.77 -2.96
CA GLU B 150 35.43 -12.95 -4.40
C GLU B 150 35.47 -11.59 -5.11
N PRO B 151 36.48 -10.77 -4.81
CA PRO B 151 36.57 -9.43 -5.39
C PRO B 151 36.70 -9.46 -6.91
N GLU B 152 37.43 -10.46 -7.41
CA GLU B 152 37.66 -10.61 -8.84
C GLU B 152 36.39 -10.99 -9.57
N GLN B 153 35.48 -11.67 -8.87
CA GLN B 153 34.25 -12.14 -9.46
C GLN B 153 33.23 -11.01 -9.52
N ALA B 154 33.21 -10.17 -8.49
CA ALA B 154 32.29 -9.04 -8.41
C ALA B 154 32.63 -7.99 -9.46
N ARG B 155 33.89 -7.60 -9.52
CA ARG B 155 34.38 -6.69 -10.55
C ARG B 155 33.78 -7.10 -11.89
N GLU B 156 33.86 -8.40 -12.17
CA GLU B 156 33.34 -8.97 -13.40
C GLU B 156 31.88 -8.62 -13.60
N GLU B 157 31.06 -8.90 -12.59
CA GLU B 157 29.62 -8.68 -12.66
C GLU B 157 29.27 -7.20 -12.71
N LEU B 158 30.01 -6.39 -11.95
CA LEU B 158 29.80 -4.96 -11.91
C LEU B 158 30.01 -4.34 -13.30
N ALA B 159 31.09 -4.72 -13.96
CA ALA B 159 31.34 -4.25 -15.31
C ALA B 159 30.18 -4.63 -16.20
N ARG B 160 29.61 -5.81 -15.96
CA ARG B 160 28.51 -6.31 -16.76
C ARG B 160 27.27 -5.44 -16.61
N VAL B 161 26.85 -5.20 -15.37
CA VAL B 161 25.66 -4.40 -15.10
C VAL B 161 25.90 -2.91 -15.36
N ALA B 162 27.14 -2.47 -15.21
CA ALA B 162 27.48 -1.08 -15.47
C ALA B 162 27.07 -0.71 -16.89
N LYS B 163 27.37 -1.60 -17.83
CA LYS B 163 27.03 -1.37 -19.22
C LYS B 163 25.52 -1.24 -19.42
N CYS B 164 24.76 -2.03 -18.66
CA CYS B 164 23.32 -2.06 -18.80
C CYS B 164 22.63 -0.77 -18.38
N GLN B 165 22.98 -0.27 -17.20
CA GLN B 165 22.38 0.95 -16.69
C GLN B 165 22.76 2.16 -17.56
N ALA B 166 23.87 2.05 -18.27
CA ALA B 166 24.30 3.09 -19.19
C ALA B 166 23.35 3.16 -20.38
N ARG B 167 23.07 1.99 -20.95
CA ARG B 167 22.13 1.90 -22.05
C ARG B 167 20.71 2.21 -21.58
N THR B 168 20.32 1.65 -20.44
CA THR B 168 19.01 1.89 -19.89
C THR B 168 18.78 3.38 -19.67
N GLN B 169 19.82 4.08 -19.21
CA GLN B 169 19.72 5.53 -19.03
C GLN B 169 19.52 6.25 -20.34
N GLU B 170 20.16 5.76 -21.40
CA GLU B 170 20.08 6.39 -22.70
C GLU B 170 18.71 6.17 -23.34
N GLN B 171 18.19 4.95 -23.23
CA GLN B 171 16.89 4.63 -23.77
C GLN B 171 15.84 5.52 -23.13
N VAL B 172 16.02 5.81 -21.85
CA VAL B 172 15.10 6.67 -21.11
C VAL B 172 15.16 8.09 -21.64
N ALA B 173 16.37 8.63 -21.77
CA ALA B 173 16.55 9.99 -22.24
C ALA B 173 15.89 10.25 -23.59
N GLU B 174 16.04 9.31 -24.51
CA GLU B 174 15.50 9.49 -25.85
C GLU B 174 13.99 9.37 -25.86
N LEU B 175 13.46 8.50 -25.01
CA LEU B 175 12.00 8.37 -24.85
C LEU B 175 11.44 9.66 -24.26
N ALA B 176 12.00 10.08 -23.13
CA ALA B 176 11.62 11.33 -22.51
C ALA B 176 11.53 12.42 -23.57
N GLY B 177 12.60 12.57 -24.35
CA GLY B 177 12.68 13.59 -25.37
C GLY B 177 11.53 13.58 -26.36
N LYS B 178 11.19 12.41 -26.88
CA LYS B 178 10.07 12.25 -27.81
C LYS B 178 8.77 12.72 -27.15
N LEU B 179 8.64 12.44 -25.87
CA LEU B 179 7.44 12.81 -25.13
C LEU B 179 7.40 14.30 -24.87
N GLU B 180 8.57 14.90 -24.68
CA GLU B 180 8.68 16.34 -24.49
C GLU B 180 8.13 17.05 -25.71
N THR B 181 8.58 16.64 -26.89
CA THR B 181 8.13 17.21 -28.13
C THR B 181 6.66 16.92 -28.36
N ALA B 182 6.24 15.72 -27.96
CA ALA B 182 4.86 15.30 -28.16
C ALA B 182 3.90 16.14 -27.32
N SER B 183 4.30 16.41 -26.08
CA SER B 183 3.49 17.19 -25.15
C SER B 183 3.42 18.64 -25.60
N ALA B 184 4.47 19.11 -26.25
CA ALA B 184 4.51 20.47 -26.77
C ALA B 184 3.47 20.59 -27.87
N LEU B 185 3.44 19.61 -28.75
CA LEU B 185 2.48 19.60 -29.85
C LEU B 185 1.04 19.52 -29.35
N ALA B 186 0.84 18.80 -28.26
CA ALA B 186 -0.48 18.63 -27.68
C ALA B 186 -0.91 19.88 -26.92
N LYS B 187 0.05 20.55 -26.30
CA LYS B 187 -0.20 21.82 -25.63
C LYS B 187 -0.68 22.84 -26.67
N SER B 188 -0.07 22.82 -27.84
CA SER B 188 -0.43 23.72 -28.92
C SER B 188 -1.87 23.50 -29.40
N ALA B 189 -2.33 22.26 -29.32
CA ALA B 189 -3.65 21.90 -29.84
C ALA B 189 -4.78 22.11 -28.82
N TRP B 190 -4.43 22.12 -27.53
CA TRP B 190 -5.41 22.31 -26.47
C TRP B 190 -4.82 23.16 -25.35
N PRO B 191 -4.39 24.39 -25.69
CA PRO B 191 -3.70 25.28 -24.75
C PRO B 191 -4.45 25.44 -23.43
N ASN B 192 -5.77 25.51 -23.51
CA ASN B 192 -6.56 25.76 -22.31
C ASN B 192 -6.80 24.53 -21.43
N TRP B 193 -6.14 23.42 -21.78
CA TRP B 193 -6.25 22.20 -20.98
C TRP B 193 -5.91 22.45 -19.52
N GLN B 194 -4.89 23.25 -19.27
CA GLN B 194 -4.49 23.49 -17.89
C GLN B 194 -5.44 24.46 -17.18
N ARG B 195 -5.72 25.59 -17.80
CA ARG B 195 -6.63 26.58 -17.23
C ARG B 195 -8.00 25.99 -17.01
N GLY B 196 -8.35 24.99 -17.81
CA GLY B 196 -9.62 24.30 -17.66
C GLY B 196 -9.70 23.43 -16.43
N ALA B 198 -8.02 23.79 -13.63
CA ALA B 198 -8.01 24.58 -12.41
C ALA B 198 -9.41 25.07 -12.13
N THR B 199 -10.05 25.61 -13.17
CA THR B 199 -11.41 26.11 -13.07
C THR B 199 -12.36 25.01 -12.58
N LEU B 200 -12.10 23.78 -12.98
CA LEU B 200 -12.89 22.66 -12.50
C LEU B 200 -12.70 22.45 -10.99
N LEU B 201 -11.45 22.43 -10.55
CA LEU B 201 -11.11 22.19 -9.16
C LEU B 201 -11.52 23.35 -8.26
N ALA B 202 -12.34 24.25 -8.80
CA ALA B 202 -12.84 25.38 -8.03
C ALA B 202 -14.30 25.63 -8.36
N SER B 203 -14.53 26.19 -9.54
CA SER B 203 -15.86 26.56 -10.00
C SER B 203 -16.71 25.33 -10.29
N GLY B 204 -16.04 24.25 -10.71
CA GLY B 204 -16.72 23.00 -11.00
C GLY B 204 -17.22 22.92 -12.43
N GLY B 205 -16.93 23.94 -13.22
CA GLY B 205 -17.39 24.00 -14.59
C GLY B 205 -16.38 23.46 -15.58
N LEU B 206 -16.81 23.29 -16.83
CA LEU B 206 -15.93 22.79 -17.88
C LEU B 206 -15.57 23.88 -18.89
N ALA B 207 -15.90 25.13 -18.58
CA ALA B 207 -15.75 26.21 -19.56
C ALA B 207 -14.29 26.63 -19.78
N GLY B 208 -13.50 26.57 -18.71
CA GLY B 208 -12.10 26.91 -18.80
C GLY B 208 -11.35 26.00 -19.74
N PHE B 209 -12.02 24.95 -20.21
CA PHE B 209 -11.42 24.00 -21.11
C PHE B 209 -11.54 24.42 -22.56
N GLU B 210 -12.53 25.27 -22.86
CA GLU B 210 -12.70 25.75 -24.23
C GLU B 210 -11.56 26.69 -24.63
N PRO B 211 -11.16 26.65 -25.91
CA PRO B 211 -11.74 25.81 -26.96
C PRO B 211 -11.15 24.41 -26.96
N ILE B 212 -12.01 23.41 -26.97
CA ILE B 212 -11.60 22.01 -27.00
C ILE B 212 -11.35 21.57 -28.43
N PRO B 213 -10.36 20.68 -28.64
CA PRO B 213 -10.06 20.16 -29.98
C PRO B 213 -11.34 19.67 -30.65
N GLU B 214 -11.41 19.75 -31.97
CA GLU B 214 -12.64 19.45 -32.69
C GLU B 214 -13.21 18.07 -32.38
N VAL B 215 -12.38 17.05 -32.51
CA VAL B 215 -12.83 15.67 -32.35
C VAL B 215 -13.59 15.41 -31.04
N LEU B 216 -13.41 16.29 -30.06
CA LEU B 216 -14.01 16.08 -28.75
C LEU B 216 -15.39 16.70 -28.61
N GLU B 217 -15.79 17.46 -29.63
CA GLU B 217 -17.06 18.19 -29.60
C GLU B 217 -18.27 17.28 -29.35
N CYS B 218 -18.30 16.12 -29.99
CA CYS B 218 -19.40 15.18 -29.79
C CYS B 218 -19.50 14.67 -28.34
N LEU B 219 -18.41 14.80 -27.60
CA LEU B 219 -18.44 14.48 -26.18
C LEU B 219 -18.83 15.69 -25.35
N TRP B 220 -18.24 16.83 -25.70
CA TRP B 220 -18.37 18.03 -24.91
C TRP B 220 -19.79 18.62 -24.88
N GLN B 221 -20.56 18.43 -25.96
CA GLN B 221 -21.91 18.98 -26.01
C GLN B 221 -22.76 18.42 -24.87
N PRO B 222 -22.93 17.10 -24.84
CA PRO B 222 -23.72 16.49 -23.76
C PRO B 222 -23.04 16.68 -22.41
N LEU B 223 -21.72 16.64 -22.40
CA LEU B 223 -20.97 16.71 -21.15
C LEU B 223 -21.30 17.99 -20.40
N CYS B 224 -21.52 19.07 -21.14
CA CYS B 224 -21.81 20.35 -20.53
C CYS B 224 -23.28 20.55 -20.20
N ARG B 225 -24.13 19.64 -20.70
CA ARG B 225 -25.56 19.75 -20.49
C ARG B 225 -26.07 18.65 -19.59
N LEU B 226 -25.25 18.22 -18.65
CA LEU B 226 -25.57 17.06 -17.83
C LEU B 226 -26.70 17.32 -16.84
N ASP B 227 -26.82 18.57 -16.40
CA ASP B 227 -27.86 18.91 -15.43
C ASP B 227 -29.14 19.38 -16.12
N ASP B 228 -28.99 19.99 -17.30
CA ASP B 228 -30.13 20.50 -18.05
C ASP B 228 -30.84 19.42 -18.88
N ASP B 229 -30.06 18.59 -19.56
CA ASP B 229 -30.62 17.62 -20.50
C ASP B 229 -30.70 16.21 -19.92
N VAL B 230 -31.81 15.53 -20.18
CA VAL B 230 -32.02 14.18 -19.69
C VAL B 230 -31.14 13.17 -20.42
N GLY B 231 -31.22 13.16 -21.74
CA GLY B 231 -30.51 12.19 -22.56
C GLY B 231 -29.04 12.48 -22.76
N ALA B 232 -28.48 13.37 -21.93
CA ALA B 232 -27.07 13.71 -22.03
C ALA B 232 -26.20 12.65 -21.34
N ALA B 233 -26.69 12.11 -20.24
CA ALA B 233 -26.06 10.98 -19.59
C ALA B 233 -25.79 9.87 -20.60
N ASP B 234 -26.85 9.41 -21.25
CA ASP B 234 -26.74 8.36 -22.26
C ASP B 234 -25.79 8.73 -23.39
N ALA B 235 -25.80 10.01 -23.76
CA ALA B 235 -24.96 10.51 -24.84
C ALA B 235 -23.49 10.38 -24.47
N VAL B 236 -23.16 10.79 -23.24
CA VAL B 236 -21.80 10.69 -22.76
C VAL B 236 -21.36 9.24 -22.58
N GLN B 237 -22.20 8.42 -21.97
CA GLN B 237 -21.90 6.99 -21.82
C GLN B 237 -21.61 6.39 -23.19
N ALA B 238 -22.46 6.71 -24.16
CA ALA B 238 -22.38 6.11 -25.48
C ALA B 238 -21.14 6.53 -26.23
N TRP B 239 -20.72 7.78 -26.04
CA TRP B 239 -19.57 8.33 -26.76
C TRP B 239 -18.31 7.69 -26.22
N LEU B 240 -18.21 7.63 -24.90
CA LEU B 240 -17.09 6.97 -24.26
C LEU B 240 -17.04 5.50 -24.64
N HIS B 241 -18.20 4.84 -24.61
CA HIS B 241 -18.23 3.41 -24.84
C HIS B 241 -17.76 3.05 -26.25
N GLU B 242 -18.23 3.79 -27.25
CA GLU B 242 -17.78 3.59 -28.62
C GLU B 242 -16.27 3.67 -28.68
N ARG B 243 -15.73 4.64 -27.92
CA ARG B 243 -14.31 4.96 -27.96
C ARG B 243 -13.56 4.07 -26.98
N ASN B 244 -14.29 3.17 -26.33
CA ASN B 244 -13.68 2.17 -25.47
C ASN B 244 -13.14 2.76 -24.16
N LEU B 245 -13.70 3.89 -23.75
CA LEU B 245 -13.25 4.60 -22.56
C LEU B 245 -14.14 4.32 -21.36
N CYS B 246 -15.21 3.56 -21.56
CA CYS B 246 -16.01 3.07 -20.44
C CYS B 246 -16.59 1.70 -20.73
N GLN B 247 -17.32 1.15 -19.76
CA GLN B 247 -17.90 -0.18 -19.88
C GLN B 247 -19.36 -0.10 -20.33
N ALA B 248 -19.83 -1.17 -20.97
CA ALA B 248 -21.20 -1.21 -21.44
C ALA B 248 -22.17 -0.93 -20.29
N GLN B 249 -21.78 -1.36 -19.10
CA GLN B 249 -22.66 -1.26 -17.95
C GLN B 249 -22.24 -0.18 -16.96
N ASP B 250 -21.37 0.74 -17.40
CA ASP B 250 -21.07 1.93 -16.63
C ASP B 250 -22.21 2.91 -16.80
N HIS B 251 -22.51 3.68 -15.75
CA HIS B 251 -23.59 4.65 -15.83
C HIS B 251 -23.23 5.99 -15.22
N PHE B 252 -23.50 7.07 -15.96
CA PHE B 252 -23.11 8.39 -15.53
C PHE B 252 -24.32 9.28 -15.28
N TYR B 253 -24.24 10.12 -14.25
CA TYR B 253 -25.31 11.05 -13.95
C TYR B 253 -24.77 12.34 -13.35
N TRP B 254 -25.66 13.23 -12.95
CA TRP B 254 -25.25 14.48 -12.34
C TRP B 254 -26.03 14.80 -11.07
N GLN B 255 -25.29 14.95 -9.97
CA GLN B 255 -25.80 15.39 -8.67
C GLN B 255 -27.32 15.54 -8.57
N ALA C 17 14.77 9.49 -4.66
CA ALA C 17 13.71 10.51 -4.63
C ALA C 17 12.83 10.46 -5.88
N SER C 18 12.30 9.28 -6.18
CA SER C 18 11.53 9.05 -7.39
C SER C 18 10.09 8.74 -7.03
N SER C 19 9.21 8.84 -8.04
CA SER C 19 7.80 8.53 -7.84
C SER C 19 7.64 7.18 -7.15
N SER C 20 8.35 6.18 -7.66
CA SER C 20 8.24 4.82 -7.14
C SER C 20 8.44 4.74 -5.63
N LEU C 21 9.27 5.62 -5.10
CA LEU C 21 9.56 5.63 -3.67
C LEU C 21 8.38 6.16 -2.87
N TYR C 22 7.71 7.17 -3.42
CA TYR C 22 6.55 7.79 -2.79
C TYR C 22 5.36 6.86 -2.86
N ARG C 23 5.28 6.06 -3.91
CA ARG C 23 4.24 5.05 -4.03
C ARG C 23 4.46 3.99 -2.96
N GLU C 24 5.62 3.36 -2.97
CA GLU C 24 5.89 2.26 -2.06
C GLU C 24 5.77 2.66 -0.62
N SER C 25 6.13 3.91 -0.32
CA SER C 25 6.05 4.42 1.03
C SER C 25 4.64 4.86 1.37
N GLY C 26 3.72 4.66 0.43
CA GLY C 26 2.31 4.97 0.63
C GLY C 26 2.01 6.44 0.79
N ILE C 27 2.91 7.29 0.31
CA ILE C 27 2.72 8.74 0.39
C ILE C 27 1.75 9.25 -0.69
N ILE C 28 1.84 8.66 -1.88
CA ILE C 28 0.99 9.02 -3.01
C ILE C 28 0.29 7.80 -3.59
N SER C 29 -1.01 7.91 -3.83
CA SER C 29 -1.76 6.80 -4.42
C SER C 29 -1.50 6.67 -5.92
N ALA C 30 -1.97 5.59 -6.51
CA ALA C 30 -1.86 5.41 -7.95
C ALA C 30 -2.64 6.47 -8.69
N ARG C 31 -3.83 6.79 -8.20
CA ARG C 31 -4.69 7.76 -8.88
C ARG C 31 -4.17 9.19 -8.72
N GLN C 32 -3.69 9.51 -7.52
CA GLN C 32 -3.05 10.80 -7.28
C GLN C 32 -1.87 11.03 -8.21
N LEU C 33 -1.03 10.01 -8.38
CA LEU C 33 0.15 10.12 -9.23
C LEU C 33 -0.28 10.23 -10.68
N ALA C 34 -1.44 9.66 -10.99
CA ALA C 34 -1.97 9.69 -12.35
C ALA C 34 -2.26 11.11 -12.77
N LEU C 35 -2.83 11.86 -11.83
CA LEU C 35 -3.24 13.23 -12.07
C LEU C 35 -2.04 14.17 -12.09
N LEU C 36 -1.09 13.95 -11.21
CA LEU C 36 0.07 14.82 -11.14
C LEU C 36 0.92 14.63 -12.37
N GLN C 37 1.03 13.39 -12.83
CA GLN C 37 1.84 13.11 -13.99
C GLN C 37 1.31 13.83 -15.23
N ARG C 38 0.00 13.98 -15.28
CA ARG C 38 -0.66 14.55 -16.45
C ARG C 38 -0.68 16.08 -16.36
N LEU C 40 1.47 18.10 -14.35
CA LEU C 40 2.81 18.68 -14.27
C LEU C 40 3.73 18.19 -15.37
N PRO C 41 4.48 19.11 -16.00
CA PRO C 41 5.52 18.72 -16.96
C PRO C 41 6.60 17.89 -16.28
N ARG C 42 7.28 17.06 -17.06
CA ARG C 42 8.31 16.17 -16.54
C ARG C 42 9.26 16.89 -15.58
N LEU C 43 9.74 18.05 -16.00
CA LEU C 43 10.66 18.83 -15.19
C LEU C 43 10.01 19.30 -13.91
N ARG C 44 8.80 19.85 -14.03
CA ARG C 44 8.06 20.41 -12.91
C ARG C 44 7.77 19.33 -11.85
N LEU C 45 7.56 18.10 -12.33
CA LEU C 45 7.19 17.00 -11.47
C LEU C 45 8.38 16.50 -10.67
N GLU C 46 9.53 16.41 -11.31
CA GLU C 46 10.73 15.97 -10.61
C GLU C 46 11.16 17.01 -9.58
N GLN C 47 10.86 18.27 -9.85
CA GLN C 47 11.12 19.33 -8.87
C GLN C 47 10.29 19.06 -7.63
N LEU C 48 9.03 18.67 -7.85
CA LEU C 48 8.13 18.35 -6.75
C LEU C 48 8.69 17.21 -5.92
N PHE C 49 9.17 16.18 -6.61
CA PHE C 49 9.66 15.00 -5.94
C PHE C 49 10.89 15.26 -5.10
N ARG C 50 11.70 16.24 -5.49
CA ARG C 50 12.90 16.51 -4.70
C ARG C 50 12.78 17.71 -3.77
N CYS C 51 11.60 18.30 -3.66
CA CYS C 51 11.47 19.48 -2.82
C CYS C 51 11.40 19.13 -1.34
N GLU C 52 11.81 20.04 -0.47
CA GLU C 52 11.95 19.78 0.96
C GLU C 52 10.65 19.36 1.62
N TRP C 53 9.56 20.05 1.30
CA TRP C 53 8.28 19.80 1.91
C TRP C 53 7.82 18.37 1.66
N LEU C 54 7.91 17.93 0.42
CA LEU C 54 7.47 16.59 0.09
C LEU C 54 8.43 15.58 0.70
N GLN C 55 9.73 15.84 0.62
CA GLN C 55 10.72 14.99 1.28
C GLN C 55 10.45 14.89 2.77
N GLN C 56 9.81 15.91 3.32
CA GLN C 56 9.44 15.94 4.73
C GLN C 56 8.27 14.98 4.93
N ARG C 57 7.21 15.14 4.15
CA ARG C 57 6.08 14.23 4.26
C ARG C 57 6.65 12.84 4.16
N LEU C 58 7.50 12.60 3.18
CA LEU C 58 8.06 11.27 2.98
C LEU C 58 8.83 10.76 4.18
N ALA C 59 9.68 11.61 4.76
CA ALA C 59 10.49 11.19 5.89
C ALA C 59 9.61 10.70 7.03
N ARG C 60 8.44 11.31 7.17
CA ARG C 60 7.60 11.06 8.34
C ARG C 60 6.42 10.12 8.04
N GLY C 61 6.28 9.73 6.79
CA GLY C 61 5.17 8.89 6.37
C GLY C 61 3.85 9.61 6.37
N LEU C 62 3.84 10.84 5.86
CA LEU C 62 2.60 11.61 5.86
C LEU C 62 1.91 11.68 4.49
N ALA C 63 0.99 10.75 4.26
CA ALA C 63 0.31 10.62 2.98
C ALA C 63 -0.49 11.86 2.53
N LEU C 64 -0.36 12.16 1.25
CA LEU C 64 -1.08 13.25 0.62
C LEU C 64 -2.58 12.99 0.64
N GLY C 65 -3.34 14.01 1.03
CA GLY C 65 -4.79 13.93 1.01
C GLY C 65 -5.35 14.75 -0.12
N ARG C 66 -6.64 15.08 -0.05
CA ARG C 66 -7.26 15.87 -1.12
C ARG C 66 -6.70 17.29 -1.13
N GLU C 67 -6.50 17.85 0.06
CA GLU C 67 -6.02 19.22 0.22
C GLU C 67 -4.64 19.43 -0.38
N GLU C 68 -3.72 18.54 0.00
CA GLU C 68 -2.35 18.58 -0.46
C GLU C 68 -2.22 18.57 -1.98
N VAL C 69 -3.06 17.78 -2.63
CA VAL C 69 -3.01 17.73 -4.08
C VAL C 69 -3.55 19.00 -4.74
N ARG C 70 -4.60 19.59 -4.18
CA ARG C 70 -5.08 20.86 -4.70
C ARG C 70 -3.97 21.89 -4.58
N GLN C 71 -3.41 22.00 -3.38
CA GLN C 71 -2.33 22.94 -3.14
C GLN C 71 -1.21 22.74 -4.14
N ILE C 72 -0.74 21.50 -4.29
CA ILE C 72 0.30 21.21 -5.26
C ILE C 72 -0.08 21.74 -6.63
N LEU C 73 -1.36 21.67 -6.98
CA LEU C 73 -1.80 22.08 -8.31
C LEU C 73 -1.93 23.60 -8.44
N LEU C 74 -2.44 24.26 -7.41
CA LEU C 74 -2.49 25.73 -7.41
C LEU C 74 -1.09 26.31 -7.52
N CYS C 75 -0.21 25.86 -6.62
CA CYS C 75 1.17 26.34 -6.62
C CYS C 75 1.91 25.97 -7.89
N ALA C 76 1.40 24.99 -8.63
CA ALA C 76 2.05 24.61 -9.87
C ALA C 76 1.80 25.66 -10.95
N ALA C 77 0.70 26.40 -10.79
CA ALA C 77 0.30 27.41 -11.77
C ALA C 77 1.26 28.60 -11.85
N GLN C 78 1.90 28.93 -10.73
CA GLN C 78 2.80 30.08 -10.69
C GLN C 78 3.79 30.09 -11.84
N ASP C 79 4.30 28.91 -12.17
CA ASP C 79 5.20 28.74 -13.31
C ASP C 79 6.57 29.43 -13.14
N ASP C 80 7.04 29.55 -11.91
CA ASP C 80 8.41 30.02 -11.67
C ASP C 80 9.26 28.83 -11.24
N ASP C 81 10.57 29.00 -11.19
CA ASP C 81 11.46 27.88 -10.98
C ASP C 81 11.53 27.38 -9.52
N GLY C 82 10.90 28.12 -8.61
CA GLY C 82 10.89 27.74 -7.20
C GLY C 82 9.50 27.74 -6.60
N TRP C 83 8.52 27.29 -7.37
CA TRP C 83 7.13 27.26 -6.91
C TRP C 83 7.01 26.46 -5.62
N CYS C 84 7.68 25.32 -5.58
CA CYS C 84 7.45 24.34 -4.54
C CYS C 84 8.08 24.69 -3.20
N ALA C 85 8.45 25.96 -3.02
CA ALA C 85 8.89 26.44 -1.72
C ALA C 85 7.74 27.22 -1.09
N GLU C 86 6.60 27.24 -1.76
CA GLU C 86 5.41 27.90 -1.24
C GLU C 86 4.53 26.83 -0.66
N LEU C 87 4.96 25.58 -0.84
CA LEU C 87 4.19 24.44 -0.34
C LEU C 87 4.45 24.30 1.15
N GLY C 88 3.39 24.07 1.90
CA GLY C 88 3.48 23.85 3.33
C GLY C 88 2.14 23.32 3.81
N ASP C 89 2.14 22.66 4.97
CA ASP C 89 0.90 22.14 5.50
C ASP C 89 0.31 23.10 6.52
N ARG C 90 -0.99 22.97 6.76
CA ARG C 90 -1.63 23.69 7.84
C ARG C 90 -2.03 22.64 8.83
N VAL C 91 -1.47 22.70 10.03
CA VAL C 91 -1.72 21.62 10.96
C VAL C 91 -2.39 22.08 12.25
N ASN C 92 -3.34 21.26 12.70
CA ASN C 92 -4.14 21.57 13.87
C ASN C 92 -3.56 20.82 15.03
N LEU C 93 -2.75 21.51 15.83
CA LEU C 93 -2.04 20.86 16.91
C LEU C 93 -2.98 20.36 18.00
N ALA C 94 -4.24 20.75 17.94
CA ALA C 94 -5.22 20.26 18.88
C ALA C 94 -5.51 18.79 18.59
N VAL C 95 -5.11 18.33 17.41
CA VAL C 95 -5.23 16.91 17.08
C VAL C 95 -3.94 16.24 17.46
N PRO C 96 -4.03 15.32 18.43
CA PRO C 96 -2.88 14.60 19.00
C PRO C 96 -2.03 13.94 17.92
N GLN C 97 -2.64 13.29 16.94
CA GLN C 97 -1.83 12.65 15.92
C GLN C 97 -0.98 13.69 15.20
N SER C 98 -1.52 14.89 15.02
CA SER C 98 -0.76 15.97 14.41
C SER C 98 0.33 16.46 15.34
N ILE C 100 1.92 14.84 17.45
CA ILE C 100 2.99 13.85 17.41
C ILE C 100 3.78 13.90 16.10
N ASP C 101 3.09 13.86 14.98
CA ASP C 101 3.77 13.73 13.71
C ASP C 101 4.52 14.99 13.27
N TRP C 102 4.10 16.15 13.77
CA TRP C 102 4.69 17.40 13.34
C TRP C 102 5.58 18.03 14.40
N VAL C 103 5.36 17.69 15.65
CA VAL C 103 6.15 18.31 16.69
C VAL C 103 6.96 17.28 17.44
N LEU C 104 6.29 16.45 18.23
CA LEU C 104 6.97 15.56 19.17
C LEU C 104 7.99 14.62 18.55
N LEU C 105 7.60 13.84 17.54
CA LEU C 105 8.59 12.98 16.88
C LEU C 105 9.72 13.77 16.21
N PRO C 106 9.39 14.79 15.40
CA PRO C 106 10.47 15.58 14.80
C PRO C 106 11.41 16.16 15.86
N VAL C 107 10.84 16.77 16.90
CA VAL C 107 11.62 17.36 17.98
C VAL C 107 12.51 16.34 18.69
N TYR C 108 12.01 15.12 18.89
CA TYR C 108 12.81 14.11 19.57
C TYR C 108 13.99 13.71 18.73
N GLY C 109 13.75 13.51 17.43
CA GLY C 109 14.82 13.13 16.53
C GLY C 109 15.95 14.15 16.55
N TRP C 110 15.56 15.42 16.64
CA TRP C 110 16.51 16.52 16.66
C TRP C 110 17.21 16.54 18.00
N TRP C 111 16.43 16.37 19.06
CA TRP C 111 16.97 16.37 20.40
C TRP C 111 18.01 15.27 20.57
N GLU C 112 17.68 14.05 20.21
CA GLU C 112 18.58 12.94 20.47
C GLU C 112 19.94 13.11 19.77
N SER C 113 19.98 13.80 18.65
CA SER C 113 21.24 13.98 17.96
C SER C 113 22.06 15.10 18.61
N LEU C 114 21.39 15.92 19.42
CA LEU C 114 22.11 16.85 20.28
C LEU C 114 22.95 16.08 21.28
N LEU C 115 22.43 14.95 21.73
CA LEU C 115 23.11 14.11 22.71
C LEU C 115 24.27 13.35 22.08
N ASP C 116 24.12 13.00 20.80
CA ASP C 116 25.12 12.24 20.05
C ASP C 116 24.79 12.35 18.57
N GLN C 117 25.64 13.07 17.84
CA GLN C 117 25.37 13.39 16.44
C GLN C 117 25.27 12.18 15.53
N ALA C 118 25.79 11.05 16.00
CA ALA C 118 25.96 9.87 15.16
C ALA C 118 24.68 9.10 15.07
N ILE C 119 23.76 9.38 15.98
CA ILE C 119 22.49 8.65 16.07
C ILE C 119 21.61 8.71 14.82
N PRO C 120 21.40 9.90 14.24
CA PRO C 120 20.53 9.83 13.07
C PRO C 120 21.12 8.90 11.99
N GLY C 121 22.45 8.88 11.88
CA GLY C 121 23.12 8.12 10.84
C GLY C 121 23.08 6.62 11.12
N TRP C 122 23.07 6.26 12.39
CA TRP C 122 22.91 4.86 12.76
C TRP C 122 21.50 4.42 12.41
N ARG C 123 20.53 5.20 12.88
CA ARG C 123 19.13 4.94 12.65
C ARG C 123 18.87 4.68 11.16
N LEU C 124 19.50 5.49 10.31
CA LEU C 124 19.29 5.37 8.87
C LEU C 124 20.03 4.18 8.28
N SER C 125 21.17 3.83 8.87
CA SER C 125 21.96 2.70 8.39
C SER C 125 21.28 1.38 8.72
N LEU C 126 20.53 1.35 9.81
CA LEU C 126 19.73 0.16 10.12
C LEU C 126 18.76 -0.09 8.99
N VAL C 127 17.99 0.94 8.64
CA VAL C 127 17.00 0.86 7.59
C VAL C 127 17.57 0.30 6.30
N GLU C 128 18.76 0.75 5.94
CA GLU C 128 19.41 0.29 4.72
C GLU C 128 19.72 -1.20 4.80
N LEU C 129 20.16 -1.63 5.98
CA LEU C 129 20.51 -3.02 6.21
C LEU C 129 19.26 -3.89 6.28
N GLU C 130 18.21 -3.36 6.90
CA GLU C 130 16.97 -4.11 7.03
C GLU C 130 16.34 -4.40 5.66
N THR C 131 16.40 -3.44 4.73
CA THR C 131 15.87 -3.65 3.40
C THR C 131 16.82 -4.52 2.59
N GLN C 132 18.06 -4.59 3.05
CA GLN C 132 19.08 -5.36 2.36
C GLN C 132 19.01 -6.84 2.74
N SER C 133 18.79 -7.12 4.02
CA SER C 133 18.68 -8.49 4.47
C SER C 133 17.42 -9.12 3.86
N ARG C 134 16.36 -8.32 3.76
CA ARG C 134 15.11 -8.81 3.19
C ARG C 134 15.23 -8.97 1.68
N GLN C 135 16.30 -8.43 1.11
CA GLN C 135 16.60 -8.63 -0.31
C GLN C 135 17.36 -9.93 -0.50
N LEU C 136 18.12 -10.32 0.52
CA LEU C 136 18.86 -11.56 0.47
C LEU C 136 17.97 -12.71 0.90
N ARG C 137 17.06 -12.43 1.84
CA ARG C 137 16.09 -13.40 2.30
C ARG C 137 15.25 -13.88 1.12
N ILE C 138 14.72 -12.94 0.35
CA ILE C 138 13.96 -13.27 -0.85
C ILE C 138 14.83 -13.96 -1.90
N LYS C 139 16.13 -13.66 -1.89
CA LYS C 139 17.05 -14.29 -2.82
C LYS C 139 17.28 -15.74 -2.43
N SER C 140 17.21 -16.01 -1.14
CA SER C 140 17.34 -17.38 -0.64
C SER C 140 16.14 -18.22 -1.06
N GLU C 141 14.95 -17.78 -0.66
CA GLU C 141 13.71 -18.46 -1.05
C GLU C 141 13.72 -18.86 -2.52
N PHE C 142 14.14 -17.93 -3.37
CA PHE C 142 14.20 -18.18 -4.80
C PHE C 142 15.14 -19.34 -5.13
N TRP C 143 16.38 -19.24 -4.68
CA TRP C 143 17.39 -20.24 -5.05
C TRP C 143 17.17 -21.57 -4.37
N SER C 144 16.34 -21.59 -3.33
CA SER C 144 15.96 -22.84 -2.71
C SER C 144 14.81 -23.47 -3.50
N ARG C 145 14.03 -22.61 -4.15
CA ARG C 145 12.98 -23.05 -5.06
C ARG C 145 13.58 -23.45 -6.40
N VAL C 146 14.81 -23.01 -6.64
CA VAL C 146 15.52 -23.33 -7.87
C VAL C 146 16.51 -24.45 -7.60
N ALA C 147 16.68 -24.80 -6.33
CA ALA C 147 17.50 -25.94 -5.95
C ALA C 147 16.76 -27.23 -6.30
N GLU C 148 15.57 -27.09 -6.87
CA GLU C 148 14.78 -28.24 -7.29
C GLU C 148 15.47 -28.92 -8.46
N LEU C 149 15.95 -28.11 -9.40
CA LEU C 149 16.56 -28.61 -10.62
C LEU C 149 18.09 -28.51 -10.59
N GLU C 150 18.60 -27.42 -10.01
CA GLU C 150 20.04 -27.26 -9.86
C GLU C 150 20.50 -27.25 -8.41
N PRO C 151 20.90 -28.42 -7.90
CA PRO C 151 21.44 -28.54 -6.54
C PRO C 151 22.84 -27.93 -6.47
N GLU C 152 23.64 -28.16 -7.50
CA GLU C 152 25.03 -27.72 -7.52
C GLU C 152 25.15 -26.20 -7.67
N GLN C 153 24.56 -25.67 -8.73
CA GLN C 153 24.64 -24.24 -9.01
C GLN C 153 24.02 -23.44 -7.88
N ALA C 154 22.86 -23.89 -7.40
CA ALA C 154 22.17 -23.18 -6.32
C ALA C 154 22.93 -23.24 -5.01
N ARG C 155 23.94 -24.12 -4.93
CA ARG C 155 24.76 -24.19 -3.72
C ARG C 155 25.63 -22.96 -3.57
N GLU C 156 26.59 -22.78 -4.47
CA GLU C 156 27.50 -21.65 -4.37
C GLU C 156 26.74 -20.35 -4.52
N GLU C 157 25.52 -20.44 -5.02
CA GLU C 157 24.65 -19.27 -5.18
C GLU C 157 23.97 -18.94 -3.86
N LEU C 158 23.56 -19.98 -3.13
CA LEU C 158 23.00 -19.80 -1.79
C LEU C 158 24.11 -19.52 -0.79
N ALA C 159 25.33 -19.99 -1.11
CA ALA C 159 26.48 -19.80 -0.23
C ALA C 159 26.88 -18.33 -0.15
N ARG C 160 26.93 -17.65 -1.30
CA ARG C 160 27.27 -16.24 -1.35
C ARG C 160 26.24 -15.39 -0.62
N VAL C 161 24.96 -15.66 -0.91
CA VAL C 161 23.87 -14.94 -0.24
C VAL C 161 23.94 -15.15 1.27
N ALA C 162 24.35 -16.35 1.68
CA ALA C 162 24.46 -16.67 3.10
C ALA C 162 25.59 -15.89 3.81
N LYS C 163 26.69 -15.63 3.10
CA LYS C 163 27.77 -14.83 3.67
C LYS C 163 27.30 -13.40 3.85
N CYS C 164 26.56 -12.90 2.86
CA CYS C 164 26.10 -11.53 2.90
C CYS C 164 25.11 -11.29 4.04
N GLN C 165 24.13 -12.16 4.19
CA GLN C 165 23.17 -12.03 5.27
C GLN C 165 23.83 -12.31 6.60
N ALA C 166 25.13 -12.61 6.56
CA ALA C 166 25.93 -12.80 7.76
C ALA C 166 26.59 -11.49 8.17
N ARG C 167 27.38 -10.91 7.27
CA ARG C 167 27.98 -9.61 7.57
C ARG C 167 26.88 -8.61 7.82
N THR C 168 25.89 -8.57 6.93
CA THR C 168 24.75 -7.69 7.14
C THR C 168 24.30 -7.83 8.58
N GLN C 169 24.05 -9.08 8.97
CA GLN C 169 23.39 -9.34 10.25
C GLN C 169 24.23 -8.92 11.45
N GLU C 170 25.55 -8.92 11.31
CA GLU C 170 26.41 -8.46 12.40
C GLU C 170 26.52 -6.94 12.42
N GLN C 171 26.63 -6.33 11.25
CA GLN C 171 26.61 -4.87 11.17
C GLN C 171 25.42 -4.36 11.96
N VAL C 172 24.27 -4.99 11.76
CA VAL C 172 23.05 -4.67 12.50
C VAL C 172 23.23 -4.82 14.01
N ALA C 173 23.87 -5.91 14.42
CA ALA C 173 24.06 -6.15 15.84
C ALA C 173 24.93 -5.07 16.47
N GLU C 174 25.95 -4.66 15.74
CA GLU C 174 26.84 -3.62 16.22
C GLU C 174 26.08 -2.31 16.37
N LEU C 175 25.25 -1.98 15.38
CA LEU C 175 24.48 -0.74 15.41
C LEU C 175 23.40 -0.78 16.48
N ALA C 176 22.72 -1.91 16.58
CA ALA C 176 21.67 -2.03 17.56
C ALA C 176 22.29 -1.80 18.93
N GLY C 177 23.48 -2.33 19.11
CA GLY C 177 24.19 -2.20 20.36
C GLY C 177 24.45 -0.75 20.70
N LYS C 178 25.05 -0.03 19.76
CA LYS C 178 25.34 1.38 19.98
C LYS C 178 24.08 2.15 20.31
N LEU C 179 22.97 1.79 19.67
CA LEU C 179 21.70 2.47 19.92
C LEU C 179 21.14 2.10 21.28
N GLU C 180 21.45 0.89 21.73
CA GLU C 180 20.94 0.40 23.00
C GLU C 180 21.51 1.28 24.11
N THR C 181 22.76 1.67 23.95
CA THR C 181 23.46 2.49 24.94
C THR C 181 22.94 3.93 24.89
N ALA C 182 22.83 4.45 23.67
CA ALA C 182 22.23 5.77 23.43
C ALA C 182 20.84 5.88 24.08
N SER C 183 19.96 4.96 23.73
CA SER C 183 18.66 4.84 24.38
C SER C 183 18.75 5.08 25.89
N ALA C 184 19.62 4.33 26.56
CA ALA C 184 19.73 4.45 28.00
C ALA C 184 20.04 5.88 28.41
N LEU C 185 21.01 6.50 27.74
CA LEU C 185 21.39 7.87 28.08
C LEU C 185 20.25 8.87 27.87
N ALA C 186 19.52 8.71 26.77
CA ALA C 186 18.39 9.60 26.46
C ALA C 186 17.28 9.45 27.47
N LYS C 187 17.05 8.21 27.90
CA LYS C 187 16.07 7.92 28.94
C LYS C 187 16.43 8.65 30.23
N SER C 188 17.73 8.68 30.55
CA SER C 188 18.17 9.37 31.74
C SER C 188 18.01 10.88 31.61
N ALA C 189 18.08 11.38 30.38
CA ALA C 189 18.03 12.82 30.11
C ALA C 189 16.60 13.35 30.02
N TRP C 190 15.68 12.49 29.58
CA TRP C 190 14.26 12.83 29.52
C TRP C 190 13.46 11.67 30.06
N PRO C 191 13.48 11.51 31.39
CA PRO C 191 12.84 10.33 31.99
C PRO C 191 11.37 10.14 31.60
N ASN C 192 10.59 11.22 31.52
CA ASN C 192 9.15 11.06 31.31
C ASN C 192 8.70 11.11 29.86
N TRP C 193 9.63 10.96 28.93
CA TRP C 193 9.29 10.92 27.51
C TRP C 193 8.16 9.95 27.27
N GLN C 194 8.29 8.76 27.83
CA GLN C 194 7.36 7.67 27.54
C GLN C 194 6.03 7.86 28.24
N ARG C 195 6.07 8.24 29.51
CA ARG C 195 4.85 8.53 30.25
C ARG C 195 4.11 9.71 29.61
N GLY C 196 4.84 10.71 29.15
CA GLY C 196 4.22 11.82 28.46
C GLY C 196 3.47 11.34 27.24
N ALA C 198 2.38 8.29 26.43
CA ALA C 198 1.23 7.49 26.82
C ALA C 198 0.09 8.39 27.23
N THR C 199 0.41 9.43 28.00
CA THR C 199 -0.61 10.35 28.49
C THR C 199 -1.26 11.13 27.36
N LEU C 200 -0.45 11.56 26.40
CA LEU C 200 -0.99 12.31 25.26
C LEU C 200 -1.98 11.45 24.48
N LEU C 201 -1.66 10.16 24.33
CA LEU C 201 -2.51 9.23 23.62
C LEU C 201 -3.74 8.86 24.43
N ALA C 202 -3.69 9.14 25.72
CA ALA C 202 -4.76 8.75 26.63
C ALA C 202 -5.70 9.90 26.92
N SER C 203 -5.11 11.00 27.39
CA SER C 203 -5.88 12.15 27.86
C SER C 203 -5.75 13.32 26.92
N GLY C 204 -4.76 13.27 26.03
CA GLY C 204 -4.58 14.29 25.01
C GLY C 204 -3.84 15.56 25.41
N GLY C 205 -3.24 15.57 26.59
CA GLY C 205 -2.46 16.71 27.05
C GLY C 205 -0.98 16.42 27.02
N LEU C 206 -0.16 17.38 27.48
CA LEU C 206 1.29 17.26 27.43
C LEU C 206 1.97 17.30 28.80
N ALA C 207 1.18 17.33 29.87
CA ALA C 207 1.77 17.40 31.21
C ALA C 207 2.58 16.15 31.58
N GLY C 208 2.29 15.03 30.91
CA GLY C 208 2.96 13.78 31.23
C GLY C 208 4.43 13.80 30.87
N PHE C 209 4.83 14.77 30.05
CA PHE C 209 6.24 14.93 29.68
C PHE C 209 6.91 15.81 30.72
N GLU C 210 6.07 16.49 31.50
CA GLU C 210 6.36 17.78 32.14
C GLU C 210 7.77 18.12 32.57
N PRO C 211 8.48 17.19 33.25
CA PRO C 211 9.88 17.56 33.51
C PRO C 211 10.69 17.41 32.22
N ILE C 212 10.66 18.43 31.36
CA ILE C 212 11.27 18.34 30.03
C ILE C 212 12.67 18.90 30.05
N PRO C 213 13.52 18.43 29.12
CA PRO C 213 14.92 18.87 29.01
C PRO C 213 14.98 20.38 28.83
N GLU C 214 16.02 21.02 29.37
CA GLU C 214 16.08 22.47 29.37
C GLU C 214 16.11 23.08 27.97
N VAL C 215 16.69 22.39 27.00
CA VAL C 215 16.86 22.98 25.67
C VAL C 215 15.53 23.10 24.93
N LEU C 216 14.47 22.49 25.48
CA LEU C 216 13.15 22.58 24.89
C LEU C 216 12.27 23.56 25.61
N GLU C 217 12.78 24.25 26.61
CA GLU C 217 11.94 25.18 27.33
C GLU C 217 11.26 26.18 26.39
N CYS C 218 12.05 26.81 25.52
CA CYS C 218 11.50 27.84 24.64
C CYS C 218 10.38 27.33 23.72
N LEU C 219 10.48 26.08 23.31
CA LEU C 219 9.39 25.45 22.57
C LEU C 219 8.21 25.09 23.48
N TRP C 220 8.54 24.55 24.66
CA TRP C 220 7.51 24.03 25.54
C TRP C 220 6.55 25.11 26.04
N GLN C 221 7.11 26.26 26.39
CA GLN C 221 6.31 27.33 26.97
C GLN C 221 5.09 27.64 26.08
N PRO C 222 5.33 27.95 24.80
CA PRO C 222 4.21 28.29 23.91
C PRO C 222 3.37 27.07 23.54
N LEU C 223 4.00 25.91 23.43
CA LEU C 223 3.29 24.69 23.09
C LEU C 223 2.19 24.41 24.09
N CYS C 224 2.44 24.75 25.35
CA CYS C 224 1.44 24.52 26.38
C CYS C 224 0.33 25.56 26.41
N ARG C 225 0.39 26.53 25.51
CA ARG C 225 -0.57 27.62 25.52
C ARG C 225 -1.22 27.85 24.17
N LEU C 226 -1.15 26.86 23.29
CA LEU C 226 -1.72 27.01 21.95
C LEU C 226 -3.16 27.50 21.97
N ASP C 227 -3.91 27.10 22.98
CA ASP C 227 -5.33 27.44 23.04
C ASP C 227 -5.57 28.84 23.61
N ASP C 228 -4.60 29.34 24.38
CA ASP C 228 -4.77 30.55 25.18
C ASP C 228 -4.18 31.81 24.56
N ASP C 229 -3.01 31.69 23.95
CA ASP C 229 -2.34 32.84 23.37
C ASP C 229 -2.40 32.77 21.86
N VAL C 230 -2.87 33.84 21.23
CA VAL C 230 -2.97 33.87 19.78
C VAL C 230 -1.61 33.57 19.15
N GLY C 231 -0.56 34.16 19.71
CA GLY C 231 0.75 34.08 19.10
C GLY C 231 1.53 32.82 19.41
N ALA C 232 0.94 31.91 20.19
CA ALA C 232 1.63 30.71 20.62
C ALA C 232 1.97 29.79 19.47
N ALA C 233 1.02 29.57 18.58
CA ALA C 233 1.24 28.67 17.46
C ALA C 233 2.31 29.22 16.52
N ASP C 234 2.45 30.53 16.47
CA ASP C 234 3.48 31.15 15.66
C ASP C 234 4.83 30.98 16.32
N ALA C 235 4.88 31.15 17.63
CA ALA C 235 6.09 30.91 18.41
C ALA C 235 6.59 29.50 18.16
N VAL C 236 5.68 28.54 18.24
CA VAL C 236 6.01 27.15 17.99
C VAL C 236 6.59 27.00 16.58
N GLN C 237 5.87 27.50 15.58
CA GLN C 237 6.34 27.42 14.19
C GLN C 237 7.73 28.04 14.04
N ALA C 238 7.93 29.21 14.63
CA ALA C 238 9.24 29.85 14.62
C ALA C 238 10.30 28.93 15.22
N TRP C 239 10.07 28.47 16.45
CA TRP C 239 11.00 27.55 17.11
C TRP C 239 11.42 26.41 16.18
N LEU C 240 10.43 25.80 15.54
CA LEU C 240 10.68 24.66 14.67
C LEU C 240 11.46 25.06 13.45
N HIS C 241 11.02 26.14 12.82
CA HIS C 241 11.63 26.61 11.59
C HIS C 241 13.09 27.03 11.78
N GLU C 242 13.41 27.65 12.91
CA GLU C 242 14.76 28.13 13.17
C GLU C 242 15.72 26.97 13.32
N ARG C 243 15.16 25.78 13.50
CA ARG C 243 15.95 24.56 13.68
C ARG C 243 15.71 23.60 12.54
N ASN C 244 15.06 24.09 11.48
CA ASN C 244 14.83 23.28 10.28
C ASN C 244 13.94 22.08 10.53
N LEU C 245 12.97 22.25 11.43
CA LEU C 245 12.09 21.17 11.83
C LEU C 245 10.73 21.25 11.14
N CYS C 246 10.47 22.37 10.47
CA CYS C 246 9.28 22.50 9.61
C CYS C 246 9.63 23.41 8.45
N GLN C 247 8.74 23.52 7.47
CA GLN C 247 9.00 24.37 6.32
C GLN C 247 8.60 25.81 6.60
N ALA C 248 9.21 26.74 5.88
CA ALA C 248 8.91 28.15 6.09
C ALA C 248 7.42 28.39 5.92
N GLN C 249 6.79 27.62 5.02
CA GLN C 249 5.36 27.78 4.76
C GLN C 249 4.46 26.88 5.59
N ASP C 250 5.03 26.04 6.44
CA ASP C 250 4.22 25.30 7.37
C ASP C 250 3.55 26.30 8.30
N HIS C 251 2.31 26.02 8.67
CA HIS C 251 1.54 26.91 9.53
C HIS C 251 0.77 26.08 10.55
N PHE C 252 0.80 26.50 11.82
CA PHE C 252 0.15 25.75 12.89
C PHE C 252 -0.97 26.52 13.56
N TYR C 253 -1.87 25.80 14.21
CA TYR C 253 -2.99 26.41 14.92
C TYR C 253 -3.68 25.41 15.85
N TRP C 254 -4.67 25.88 16.59
CA TRP C 254 -5.37 25.04 17.57
C TRP C 254 -6.88 25.17 17.43
N GLN C 255 -7.51 24.11 16.93
CA GLN C 255 -8.97 24.01 16.86
C GLN C 255 -9.40 22.62 17.30
#